data_6TN3
#
_entry.id   6TN3
#
_cell.length_a   55.736
_cell.length_b   138.140
_cell.length_c   145.126
_cell.angle_alpha   90.000
_cell.angle_beta   90.000
_cell.angle_gamma   90.000
#
_symmetry.space_group_name_H-M   'P 21 21 21'
#
loop_
_entity.id
_entity.type
_entity.pdbx_description
1 polymer 'UDP-N-acetylglucosamine pyrophosphorylase'
2 non-polymer 'PHOSPHATE ION'
3 non-polymer 2-acetamido-2-deoxy-1-O-phosphono-alpha-D-glucopyranose
4 water water
#
_entity_poly.entity_id   1
_entity_poly.type   'polypeptide(L)'
_entity_poly.pdbx_seq_one_letter_code
;MAVAIKETVSNFMERFHGHPENLPREPSAEEFQQLRKKYTDAGQGHVFAFVDELQTGERSQLFHQLSSFDPVRINELADK
ALNPPKADDGPASLEPLPDIATASILDSDPKDLEQWYEEGLKLVAGNKVAVVLMAGGQGTRLGSSAPKGCFDIGLPSHKS
LFQIQAERIAKLQLLAQRISGKEAVIPWYVMTSGPTRKPTEEFFEQHKYFGLNKSDVIIFEQGVLPCISNEGKILMESKF
KVAVAPDGNGGIYQALLTSGVREDMRKRGIEHIHTYCVDNCLVKVADPVFIGFAASKQVDIATKVVRKRNATESVGLILQ
KNGKPDVVEYSEIDKETAEAKDPKQPDVLKFRAANIVNHYYSFKFFESIELWAHKLPHHVARKKIPCIKEGTGEFFKPEK
PNGIKLEQFVFDVFPMTPLEKFACIEVRREDEFSPLKNARGTGEDDPDTSKRDIMSQGQRWIEKAGGIVITEGDVVGVEV
SPLISYGGEGLEFLKGREIKAPAFIEKEE
;
_entity_poly.pdbx_strand_id   A,B
#
# COMPACT_ATOMS: atom_id res chain seq x y z
N GLU A 30 52.77 -31.47 11.03
CA GLU A 30 52.90 -32.68 10.22
C GLU A 30 51.94 -32.53 9.01
N GLU A 31 50.76 -33.15 9.08
CA GLU A 31 49.67 -32.83 8.16
C GLU A 31 49.28 -31.35 8.27
N PHE A 32 49.38 -30.79 9.47
CA PHE A 32 49.04 -29.39 9.69
C PHE A 32 49.90 -28.49 8.81
N GLN A 33 51.23 -28.72 8.82
CA GLN A 33 52.12 -27.87 8.04
C GLN A 33 51.89 -28.01 6.55
N GLN A 34 51.44 -29.19 6.11
CA GLN A 34 51.06 -29.34 4.71
C GLN A 34 49.99 -28.32 4.33
N LEU A 35 49.03 -28.09 5.24
CA LEU A 35 48.02 -27.06 4.98
C LEU A 35 48.63 -25.67 4.99
N ARG A 36 49.42 -25.34 6.03
CA ARG A 36 50.00 -24.00 6.13
C ARG A 36 50.85 -23.66 4.92
N LYS A 37 51.49 -24.66 4.32
CA LYS A 37 52.25 -24.44 3.10
C LYS A 37 51.33 -24.01 1.96
N LYS A 38 50.30 -24.82 1.69
CA LYS A 38 49.41 -24.57 0.57
C LYS A 38 48.72 -23.22 0.70
N TYR A 39 48.41 -22.79 1.92
CA TYR A 39 47.83 -21.46 2.11
C TYR A 39 48.86 -20.35 1.91
N THR A 40 50.11 -20.58 2.35
CA THR A 40 51.13 -19.54 2.26
C THR A 40 51.59 -19.36 0.82
N ASP A 41 51.82 -20.46 0.11
CA ASP A 41 52.06 -20.43 -1.33
C ASP A 41 51.02 -19.60 -2.07
N ALA A 42 49.77 -19.64 -1.60
CA ALA A 42 48.68 -18.93 -2.24
C ALA A 42 48.47 -17.55 -1.65
N GLY A 43 49.47 -17.04 -0.92
CA GLY A 43 49.35 -15.68 -0.40
C GLY A 43 48.39 -15.51 0.75
N GLN A 44 47.97 -16.62 1.38
CA GLN A 44 47.02 -16.56 2.48
C GLN A 44 47.59 -17.24 3.73
N GLY A 45 48.91 -17.34 3.82
CA GLY A 45 49.55 -17.89 5.00
C GLY A 45 49.30 -17.09 6.26
N HIS A 46 48.83 -15.84 6.13
CA HIS A 46 48.57 -15.00 7.29
C HIS A 46 47.50 -15.57 8.23
N VAL A 47 46.68 -16.51 7.75
CA VAL A 47 45.62 -17.08 8.59
C VAL A 47 46.13 -18.16 9.52
N PHE A 48 47.36 -18.64 9.33
CA PHE A 48 48.02 -19.53 10.27
C PHE A 48 48.94 -18.78 11.23
N ALA A 49 48.94 -17.45 11.17
CA ALA A 49 49.92 -16.66 11.92
C ALA A 49 49.99 -17.09 13.36
N PHE A 50 48.83 -17.38 13.94
CA PHE A 50 48.56 -17.41 15.37
C PHE A 50 49.71 -16.96 16.26
N SER A 60 43.13 -26.12 16.68
CA SER A 60 43.00 -27.38 15.99
C SER A 60 41.73 -27.39 15.14
N GLN A 61 40.72 -26.66 15.58
CA GLN A 61 39.51 -26.51 14.77
C GLN A 61 39.83 -25.82 13.44
N LEU A 62 40.79 -24.88 13.43
CA LEU A 62 41.21 -24.18 12.21
C LEU A 62 41.59 -25.15 11.12
N PHE A 63 42.41 -26.13 11.47
CA PHE A 63 42.86 -27.10 10.50
C PHE A 63 41.67 -27.59 9.68
N HIS A 64 40.57 -27.90 10.36
CA HIS A 64 39.46 -28.51 9.67
C HIS A 64 38.67 -27.50 8.86
N GLN A 65 38.42 -26.33 9.43
CA GLN A 65 37.77 -25.25 8.69
C GLN A 65 38.53 -24.96 7.40
N LEU A 66 39.85 -24.82 7.51
CA LEU A 66 40.67 -24.44 6.37
C LEU A 66 40.87 -25.57 5.38
N SER A 67 40.78 -26.83 5.83
CA SER A 67 40.83 -27.94 4.90
C SER A 67 39.62 -27.97 3.96
N SER A 68 38.51 -27.34 4.35
CA SER A 68 37.33 -27.25 3.49
C SER A 68 37.40 -26.12 2.47
N PHE A 69 38.44 -25.27 2.52
CA PHE A 69 38.60 -24.17 1.58
C PHE A 69 39.75 -24.47 0.63
N ASP A 70 39.53 -24.24 -0.67
CA ASP A 70 40.64 -24.17 -1.61
C ASP A 70 41.10 -22.72 -1.65
N PRO A 71 42.24 -22.39 -1.04
CA PRO A 71 42.69 -20.99 -1.04
C PRO A 71 42.89 -20.44 -2.44
N VAL A 72 43.29 -21.29 -3.38
CA VAL A 72 43.45 -20.87 -4.76
C VAL A 72 42.10 -20.48 -5.37
N ARG A 73 41.06 -21.27 -5.10
CA ARG A 73 39.75 -20.93 -5.63
C ARG A 73 39.26 -19.61 -5.04
N ILE A 74 39.51 -19.38 -3.76
CA ILE A 74 39.22 -18.08 -3.18
C ILE A 74 39.91 -16.98 -3.98
N ASN A 75 41.21 -17.17 -4.26
CA ASN A 75 41.95 -16.21 -5.06
C ASN A 75 41.28 -15.96 -6.41
N GLU A 76 40.84 -17.04 -7.06
CA GLU A 76 40.21 -16.92 -8.37
C GLU A 76 38.96 -16.05 -8.31
N LEU A 77 38.09 -16.35 -7.34
CA LEU A 77 36.83 -15.62 -7.24
C LEU A 77 37.08 -14.18 -6.79
N ALA A 78 37.99 -13.98 -5.83
CA ALA A 78 38.37 -12.62 -5.47
C ALA A 78 38.93 -11.87 -6.68
N ASP A 79 39.71 -12.55 -7.54
CA ASP A 79 40.32 -11.87 -8.67
C ASP A 79 39.29 -11.47 -9.71
N LYS A 80 38.48 -12.42 -10.17
CA LYS A 80 37.46 -12.09 -11.16
C LYS A 80 36.44 -11.11 -10.62
N ALA A 81 36.20 -11.13 -9.30
CA ALA A 81 35.21 -10.22 -8.73
C ALA A 81 35.77 -8.84 -8.48
N LEU A 82 37.07 -8.75 -8.22
CA LEU A 82 37.71 -7.45 -8.04
C LEU A 82 38.24 -6.87 -9.35
N ASN A 83 38.12 -7.58 -10.47
CA ASN A 83 38.44 -7.03 -11.78
C ASN A 83 37.52 -7.67 -12.83
N PRO A 84 36.31 -7.10 -13.01
CA PRO A 84 35.41 -7.47 -14.11
C PRO A 84 36.04 -7.32 -15.50
N PRO A 91 24.07 2.42 -20.92
CA PRO A 91 22.93 2.63 -21.81
C PRO A 91 22.30 1.29 -22.25
N ALA A 92 21.79 0.52 -21.30
CA ALA A 92 21.17 -0.76 -21.63
C ALA A 92 19.76 -0.53 -22.15
N SER A 93 19.27 -1.47 -22.96
CA SER A 93 17.95 -1.38 -23.54
C SER A 93 16.95 -2.10 -22.62
N LEU A 94 16.02 -1.34 -22.06
CA LEU A 94 15.04 -1.87 -21.12
C LEU A 94 13.67 -1.89 -21.79
N GLU A 95 12.99 -3.04 -21.72
CA GLU A 95 11.64 -3.20 -22.25
C GLU A 95 10.89 -4.19 -21.36
N PRO A 96 9.58 -4.04 -21.23
CA PRO A 96 8.81 -5.06 -20.50
C PRO A 96 8.90 -6.43 -21.14
N LEU A 97 8.59 -7.45 -20.35
CA LEU A 97 8.54 -8.80 -20.88
C LEU A 97 7.47 -8.88 -21.96
N PRO A 98 7.57 -9.87 -22.85
CA PRO A 98 6.53 -10.05 -23.88
C PRO A 98 5.19 -10.41 -23.26
N ASP A 99 4.13 -9.78 -23.75
CA ASP A 99 2.78 -10.08 -23.26
C ASP A 99 2.46 -11.57 -23.30
N ILE A 100 3.10 -12.31 -24.21
CA ILE A 100 2.97 -13.75 -24.30
C ILE A 100 3.54 -14.43 -23.05
N ALA A 101 4.41 -13.74 -22.30
CA ALA A 101 5.04 -14.33 -21.12
C ALA A 101 4.42 -13.89 -19.80
N THR A 102 3.51 -12.91 -19.82
CA THR A 102 3.00 -12.32 -18.59
C THR A 102 1.52 -12.67 -18.38
N ALA A 103 1.15 -12.81 -17.10
CA ALA A 103 -0.23 -12.95 -16.66
C ALA A 103 -0.40 -12.18 -15.37
N SER A 104 -1.66 -12.03 -14.93
CA SER A 104 -1.96 -11.20 -13.76
C SER A 104 -3.17 -11.72 -13.03
N ILE A 105 -3.02 -12.00 -11.73
CA ILE A 105 -4.18 -12.29 -10.88
C ILE A 105 -5.21 -11.17 -11.00
N LEU A 106 -4.74 -9.92 -10.98
CA LEU A 106 -5.65 -8.77 -11.09
C LEU A 106 -6.34 -8.74 -12.44
N ASP A 107 -5.56 -8.76 -13.53
CA ASP A 107 -6.07 -8.44 -14.86
C ASP A 107 -6.40 -9.63 -15.73
N SER A 108 -5.87 -10.83 -15.45
CA SER A 108 -6.09 -11.92 -16.39
C SER A 108 -7.52 -12.46 -16.31
N ASP A 109 -7.87 -13.21 -17.32
CA ASP A 109 -9.21 -13.78 -17.41
C ASP A 109 -9.48 -14.72 -16.23
N PRO A 110 -10.56 -14.50 -15.46
CA PRO A 110 -10.93 -15.48 -14.42
C PRO A 110 -10.98 -16.91 -14.93
N LYS A 111 -11.21 -17.09 -16.22
CA LYS A 111 -11.23 -18.44 -16.77
C LYS A 111 -9.84 -19.07 -16.70
N ASP A 112 -8.80 -18.34 -17.14
CA ASP A 112 -7.46 -18.90 -17.09
C ASP A 112 -7.00 -19.11 -15.64
N LEU A 113 -7.28 -18.14 -14.75
CA LEU A 113 -6.86 -18.27 -13.36
C LEU A 113 -7.42 -19.55 -12.73
N GLU A 114 -8.71 -19.80 -12.93
CA GLU A 114 -9.33 -20.98 -12.33
C GLU A 114 -8.72 -22.26 -12.88
N GLN A 115 -8.44 -22.28 -14.19
CA GLN A 115 -7.88 -23.48 -14.80
C GLN A 115 -6.45 -23.73 -14.30
N TRP A 116 -5.65 -22.68 -14.17
CA TRP A 116 -4.29 -22.83 -13.64
C TRP A 116 -4.30 -23.34 -12.21
N TYR A 117 -5.22 -22.86 -11.39
CA TYR A 117 -5.32 -23.40 -10.03
C TYR A 117 -5.61 -24.90 -10.07
N GLU A 118 -6.48 -25.32 -10.98
CA GLU A 118 -6.88 -26.72 -11.08
C GLU A 118 -5.71 -27.58 -11.53
N GLU A 119 -4.99 -27.11 -12.55
CA GLU A 119 -3.84 -27.85 -13.05
C GLU A 119 -2.72 -27.89 -12.01
N GLY A 120 -2.49 -26.78 -11.31
CA GLY A 120 -1.47 -26.78 -10.28
C GLY A 120 -1.81 -27.74 -9.16
N LEU A 121 -3.09 -27.82 -8.79
CA LEU A 121 -3.47 -28.77 -7.76
C LEU A 121 -3.41 -30.21 -8.27
N LYS A 122 -3.62 -30.43 -9.58
CA LYS A 122 -3.33 -31.74 -10.17
C LYS A 122 -1.86 -32.13 -9.95
N LEU A 123 -0.94 -31.22 -10.28
CA LEU A 123 0.48 -31.53 -10.17
C LEU A 123 0.83 -31.86 -8.72
N VAL A 124 0.25 -31.15 -7.76
CA VAL A 124 0.51 -31.45 -6.36
C VAL A 124 0.01 -32.85 -6.03
N ALA A 125 -1.13 -33.25 -6.61
CA ALA A 125 -1.73 -34.52 -6.24
C ALA A 125 -0.93 -35.68 -6.79
N GLY A 126 -0.23 -35.48 -7.91
CA GLY A 126 0.61 -36.49 -8.49
C GLY A 126 2.00 -36.48 -7.91
N ASN A 127 2.16 -35.83 -6.75
CA ASN A 127 3.44 -35.78 -6.05
C ASN A 127 4.56 -35.24 -6.94
N LYS A 128 4.24 -34.28 -7.82
CA LYS A 128 5.20 -33.72 -8.76
C LYS A 128 5.84 -32.42 -8.30
N VAL A 129 5.46 -31.89 -7.14
CA VAL A 129 5.77 -30.53 -6.74
C VAL A 129 6.65 -30.55 -5.51
N ALA A 130 7.66 -29.68 -5.50
CA ALA A 130 8.59 -29.51 -4.40
C ALA A 130 8.76 -28.02 -4.09
N VAL A 131 9.17 -27.75 -2.86
CA VAL A 131 9.49 -26.42 -2.36
C VAL A 131 10.94 -26.43 -1.86
N VAL A 132 11.72 -25.44 -2.30
CA VAL A 132 13.01 -25.17 -1.68
C VAL A 132 12.86 -23.86 -0.92
N LEU A 133 12.96 -23.94 0.40
CA LEU A 133 12.91 -22.76 1.26
C LEU A 133 14.28 -22.12 1.39
N MET A 134 14.35 -20.83 1.09
CA MET A 134 15.56 -20.07 1.39
C MET A 134 15.42 -19.56 2.83
N ALA A 135 16.15 -20.19 3.74
CA ALA A 135 16.00 -19.96 5.17
C ALA A 135 17.37 -19.72 5.82
N GLY A 136 18.22 -18.92 5.19
CA GLY A 136 19.55 -18.74 5.74
C GLY A 136 19.60 -17.73 6.86
N GLY A 137 18.74 -16.71 6.82
CA GLY A 137 18.88 -15.58 7.71
C GLY A 137 18.65 -15.95 9.16
N GLN A 138 19.18 -15.09 10.03
CA GLN A 138 18.95 -15.15 11.46
C GLN A 138 18.01 -14.02 11.84
N GLY A 139 17.54 -14.03 13.08
CA GLY A 139 16.63 -12.99 13.51
C GLY A 139 17.31 -11.83 14.22
N THR A 140 18.62 -11.65 13.97
CA THR A 140 19.37 -10.65 14.73
C THR A 140 18.93 -9.23 14.36
N ARG A 141 18.66 -8.97 13.08
CA ARG A 141 18.12 -7.68 12.69
C ARG A 141 16.74 -7.40 13.33
N LEU A 142 16.10 -8.41 13.93
CA LEU A 142 14.78 -8.19 14.55
C LEU A 142 14.84 -8.16 16.09
N SER A 145 18.98 -13.31 16.93
CA SER A 145 18.63 -14.24 17.99
C SER A 145 18.58 -15.68 17.45
N ALA A 146 17.38 -16.11 17.07
CA ALA A 146 17.13 -17.47 16.59
C ALA A 146 17.16 -17.46 15.06
N PRO A 147 16.90 -18.59 14.39
CA PRO A 147 16.70 -18.52 12.94
C PRO A 147 15.45 -17.72 12.61
N LYS A 148 15.45 -17.10 11.44
CA LYS A 148 14.38 -16.15 11.12
C LYS A 148 13.02 -16.82 11.17
N GLY A 149 12.91 -18.05 10.66
CA GLY A 149 11.63 -18.74 10.58
C GLY A 149 10.99 -19.04 11.92
N CYS A 150 11.78 -19.00 13.00
CA CYS A 150 11.26 -19.19 14.34
C CYS A 150 10.58 -17.95 14.89
N PHE A 151 10.73 -16.79 14.24
CA PHE A 151 10.25 -15.56 14.84
C PHE A 151 8.73 -15.55 14.99
N ASP A 152 8.27 -15.06 16.14
CA ASP A 152 6.86 -14.93 16.47
C ASP A 152 6.45 -13.47 16.28
N ILE A 153 5.77 -13.16 15.18
CA ILE A 153 5.40 -11.78 14.86
C ILE A 153 4.27 -11.30 15.76
N GLY A 154 3.81 -12.15 16.69
CA GLY A 154 2.84 -11.71 17.67
C GLY A 154 1.40 -11.94 17.32
N LEU A 155 1.09 -12.86 16.41
CA LEU A 155 -0.28 -13.28 16.17
C LEU A 155 -0.88 -13.88 17.45
N PRO A 156 -2.22 -13.94 17.54
CA PRO A 156 -2.84 -14.56 18.72
C PRO A 156 -2.32 -15.96 18.99
N SER A 157 -2.16 -16.78 17.95
CA SER A 157 -1.67 -18.15 18.12
C SER A 157 -0.23 -18.19 18.63
N HIS A 158 0.58 -17.17 18.33
CA HIS A 158 2.02 -17.14 18.57
C HIS A 158 2.80 -18.13 17.70
N LYS A 159 2.20 -18.63 16.62
CA LYS A 159 2.91 -19.51 15.70
C LYS A 159 4.07 -18.79 15.02
N SER A 160 5.22 -19.46 14.94
CA SER A 160 6.35 -18.97 14.18
C SER A 160 6.03 -18.92 12.68
N LEU A 161 6.97 -18.36 11.91
CA LEU A 161 6.86 -18.35 10.45
C LEU A 161 6.94 -19.77 9.89
N PHE A 162 7.94 -20.55 10.33
CA PHE A 162 8.07 -21.96 9.97
C PHE A 162 6.75 -22.73 10.11
N GLN A 163 6.09 -22.58 11.26
CA GLN A 163 4.87 -23.35 11.50
C GLN A 163 3.75 -22.91 10.57
N ILE A 164 3.61 -21.60 10.39
CA ILE A 164 2.61 -21.06 9.48
C ILE A 164 2.81 -21.63 8.08
N GLN A 165 4.07 -21.69 7.64
CA GLN A 165 4.37 -22.21 6.31
C GLN A 165 4.14 -23.71 6.23
N ALA A 166 4.63 -24.47 7.22
CA ALA A 166 4.38 -25.90 7.28
C ALA A 166 2.88 -26.20 7.19
N GLU A 167 2.08 -25.41 7.88
CA GLU A 167 0.65 -25.70 7.91
C GLU A 167 0.01 -25.41 6.57
N ARG A 168 0.50 -24.41 5.82
CA ARG A 168 -0.01 -24.21 4.47
C ARG A 168 0.34 -25.40 3.58
N ILE A 169 1.52 -25.99 3.76
CA ILE A 169 1.85 -27.23 3.05
C ILE A 169 0.90 -28.35 3.45
N ALA A 170 0.70 -28.54 4.76
CA ALA A 170 -0.20 -29.57 5.24
C ALA A 170 -1.61 -29.39 4.66
N LYS A 171 -2.09 -28.14 4.65
CA LYS A 171 -3.42 -27.87 4.15
C LYS A 171 -3.49 -28.19 2.66
N LEU A 172 -2.43 -27.84 1.92
CA LEU A 172 -2.47 -27.94 0.47
C LEU A 172 -2.43 -29.38 0.02
N GLN A 173 -1.61 -30.21 0.69
CA GLN A 173 -1.62 -31.64 0.46
C GLN A 173 -3.01 -32.21 0.72
N LEU A 174 -3.73 -31.65 1.69
CA LEU A 174 -5.08 -32.12 1.99
C LEU A 174 -6.06 -31.72 0.90
N LEU A 175 -5.92 -30.52 0.34
CA LEU A 175 -6.80 -30.15 -0.79
C LEU A 175 -6.46 -30.97 -2.02
N ALA A 176 -5.18 -31.34 -2.19
CA ALA A 176 -4.81 -32.22 -3.30
C ALA A 176 -5.38 -33.62 -3.11
N GLN A 177 -5.41 -34.10 -1.86
CA GLN A 177 -5.89 -35.45 -1.60
C GLN A 177 -7.35 -35.60 -2.02
N ARG A 178 -8.13 -34.52 -1.95
CA ARG A 178 -9.53 -34.56 -2.32
C ARG A 178 -9.75 -34.78 -3.81
N ILE A 179 -8.72 -34.62 -4.63
CA ILE A 179 -8.81 -34.96 -6.04
C ILE A 179 -8.06 -36.25 -6.36
N SER A 180 -6.96 -36.55 -5.66
CA SER A 180 -6.22 -37.77 -5.98
C SER A 180 -6.86 -38.98 -5.33
N GLY A 181 -7.47 -38.82 -4.16
CA GLY A 181 -7.92 -39.93 -3.36
C GLY A 181 -6.88 -40.47 -2.40
N LYS A 182 -5.62 -40.04 -2.50
CA LYS A 182 -4.53 -40.53 -1.66
C LYS A 182 -3.74 -39.38 -1.05
N GLU A 183 -2.82 -39.73 -0.16
CA GLU A 183 -1.90 -38.73 0.40
C GLU A 183 -1.14 -38.04 -0.73
N ALA A 184 -1.03 -36.72 -0.63
CA ALA A 184 -0.15 -35.96 -1.51
C ALA A 184 1.03 -35.46 -0.69
N VAL A 185 2.19 -35.40 -1.35
CA VAL A 185 3.47 -35.10 -0.69
C VAL A 185 4.14 -33.96 -1.45
N ILE A 186 4.39 -32.86 -0.75
CA ILE A 186 5.21 -31.77 -1.26
C ILE A 186 6.50 -31.74 -0.44
N PRO A 187 7.62 -32.26 -0.93
CA PRO A 187 8.86 -32.18 -0.15
C PRO A 187 9.25 -30.74 0.11
N TRP A 188 9.67 -30.48 1.33
CA TRP A 188 10.09 -29.17 1.80
C TRP A 188 11.60 -29.24 2.04
N TYR A 189 12.37 -28.79 1.08
CA TYR A 189 13.82 -28.72 1.22
C TYR A 189 14.17 -27.39 1.85
N VAL A 190 14.61 -27.41 3.10
CA VAL A 190 14.89 -26.21 3.88
C VAL A 190 16.37 -25.90 3.75
N MET A 191 16.71 -24.81 3.05
CA MET A 191 18.11 -24.40 2.86
C MET A 191 18.50 -23.42 3.97
N THR A 192 19.41 -23.85 4.85
CA THR A 192 19.83 -23.04 5.98
C THR A 192 21.28 -22.59 5.80
N SER A 193 21.66 -21.58 6.58
CA SER A 193 23.07 -21.24 6.70
C SER A 193 23.74 -22.16 7.73
N GLY A 194 25.07 -22.11 7.77
CA GLY A 194 25.85 -22.84 8.74
C GLY A 194 25.40 -22.59 10.17
N PRO A 195 25.36 -21.31 10.59
CA PRO A 195 24.84 -20.99 11.92
C PRO A 195 23.46 -21.57 12.21
N THR A 196 22.55 -21.58 11.24
CA THR A 196 21.17 -21.93 11.53
C THR A 196 20.85 -23.42 11.41
N ARG A 197 21.79 -24.25 10.95
CA ARG A 197 21.41 -25.62 10.64
C ARG A 197 20.90 -26.36 11.88
N LYS A 198 21.70 -26.38 12.95
CA LYS A 198 21.30 -27.14 14.13
C LYS A 198 20.09 -26.54 14.84
N PRO A 199 20.02 -25.22 15.08
CA PRO A 199 18.80 -24.70 15.71
C PRO A 199 17.53 -24.99 14.90
N THR A 200 17.62 -24.96 13.57
CA THR A 200 16.48 -25.29 12.73
C THR A 200 16.07 -26.74 12.90
N GLU A 201 17.04 -27.66 12.87
CA GLU A 201 16.75 -29.07 13.11
C GLU A 201 16.12 -29.25 14.49
N GLU A 202 16.75 -28.71 15.53
CA GLU A 202 16.21 -28.87 16.88
C GLU A 202 14.81 -28.28 16.99
N PHE A 203 14.58 -27.13 16.32
CA PHE A 203 13.28 -26.48 16.38
C PHE A 203 12.20 -27.31 15.71
N PHE A 204 12.46 -27.78 14.48
CA PHE A 204 11.51 -28.69 13.84
C PHE A 204 11.34 -29.96 14.65
N GLU A 205 12.41 -30.46 15.24
CA GLU A 205 12.30 -31.66 16.08
C GLU A 205 11.41 -31.39 17.28
N GLN A 206 11.59 -30.23 17.92
CA GLN A 206 10.82 -29.86 19.10
C GLN A 206 9.33 -29.69 18.81
N HIS A 207 8.95 -29.39 17.57
CA HIS A 207 7.55 -29.28 17.19
C HIS A 207 7.06 -30.48 16.42
N LYS A 208 7.81 -31.59 16.42
CA LYS A 208 7.37 -32.82 15.76
C LYS A 208 7.03 -32.58 14.28
N TYR A 209 7.84 -31.75 13.62
CA TYR A 209 7.74 -31.46 12.18
C TYR A 209 6.35 -30.98 11.79
N PHE A 210 5.65 -30.34 12.73
CA PHE A 210 4.42 -29.58 12.46
C PHE A 210 3.36 -30.42 11.75
N GLY A 211 3.39 -31.73 11.93
CA GLY A 211 2.41 -32.62 11.32
C GLY A 211 2.86 -33.29 10.05
N LEU A 212 3.95 -32.85 9.44
CA LEU A 212 4.43 -33.45 8.21
C LEU A 212 5.31 -34.68 8.54
N ASN A 213 5.53 -35.54 7.54
CA ASN A 213 6.46 -36.66 7.75
C ASN A 213 7.88 -36.14 7.78
N LYS A 214 8.62 -36.50 8.83
CA LYS A 214 10.05 -36.28 8.95
C LYS A 214 10.79 -36.52 7.64
N SER A 215 10.36 -37.54 6.89
CA SER A 215 11.01 -37.85 5.61
C SER A 215 10.71 -36.81 4.54
N ASP A 216 9.74 -35.94 4.76
CA ASP A 216 9.39 -34.94 3.74
C ASP A 216 9.90 -33.56 4.09
N VAL A 217 10.61 -33.41 5.21
CA VAL A 217 11.27 -32.16 5.56
C VAL A 217 12.77 -32.46 5.58
N ILE A 218 13.48 -31.89 4.60
CA ILE A 218 14.90 -32.15 4.38
C ILE A 218 15.62 -30.83 4.63
N ILE A 219 16.26 -30.70 5.78
CA ILE A 219 17.12 -29.55 6.04
C ILE A 219 18.47 -29.80 5.40
N PHE A 220 19.03 -28.77 4.78
CA PHE A 220 20.36 -28.89 4.16
C PHE A 220 21.01 -27.52 4.11
N GLU A 221 22.24 -27.51 3.62
CA GLU A 221 23.15 -26.39 3.75
C GLU A 221 23.54 -25.86 2.39
N GLN A 222 23.63 -24.54 2.28
CA GLN A 222 24.19 -23.95 1.09
C GLN A 222 25.69 -23.69 1.28
N GLY A 223 26.39 -23.55 0.16
CA GLY A 223 27.82 -23.32 0.20
C GLY A 223 28.18 -22.05 0.95
N VAL A 224 29.45 -21.98 1.35
CA VAL A 224 29.99 -20.84 2.10
C VAL A 224 31.33 -20.43 1.52
N LEU A 225 31.71 -19.19 1.79
CA LEU A 225 33.01 -18.67 1.39
C LEU A 225 33.62 -17.86 2.52
N PRO A 226 34.94 -17.83 2.62
CA PRO A 226 35.59 -16.94 3.62
C PRO A 226 35.32 -15.48 3.28
N CYS A 227 35.83 -14.61 4.15
CA CYS A 227 35.38 -13.23 4.14
C CYS A 227 36.15 -12.31 3.20
N ILE A 228 37.47 -12.30 3.35
CA ILE A 228 38.43 -11.56 2.53
C ILE A 228 38.36 -10.04 2.67
N SER A 229 39.54 -9.44 2.83
CA SER A 229 39.69 -8.00 2.91
C SER A 229 39.54 -7.36 1.55
N ASN A 230 39.94 -6.09 1.46
CA ASN A 230 39.86 -5.34 0.21
C ASN A 230 40.87 -5.82 -0.82
N GLU A 231 41.98 -6.42 -0.39
CA GLU A 231 42.98 -6.96 -1.31
C GLU A 231 42.86 -8.46 -1.48
N GLY A 232 41.71 -9.05 -1.13
CA GLY A 232 41.48 -10.46 -1.31
C GLY A 232 42.13 -11.37 -0.29
N LYS A 233 42.38 -10.87 0.91
CA LYS A 233 42.99 -11.68 1.95
C LYS A 233 41.94 -12.08 2.99
N ILE A 234 41.91 -13.36 3.33
CA ILE A 234 40.85 -13.98 4.14
C ILE A 234 40.83 -13.37 5.55
N LEU A 235 39.64 -12.94 5.98
CA LEU A 235 39.47 -12.29 7.27
C LEU A 235 39.26 -13.31 8.38
N MET A 236 39.64 -12.93 9.59
CA MET A 236 39.73 -13.82 10.74
C MET A 236 38.77 -13.33 11.81
N GLU A 237 37.68 -14.09 12.03
CA GLU A 237 36.65 -13.70 13.01
C GLU A 237 37.25 -13.66 14.41
N SER A 238 37.65 -14.82 14.90
CA SER A 238 38.69 -14.91 15.89
C SER A 238 39.78 -15.79 15.31
N LYS A 239 40.75 -16.10 16.14
CA LYS A 239 41.92 -16.74 15.60
C LYS A 239 41.70 -18.23 15.53
N PHE A 240 40.72 -18.71 16.29
CA PHE A 240 40.32 -20.11 16.29
C PHE A 240 39.28 -20.42 15.22
N LYS A 241 39.01 -19.50 14.29
CA LYS A 241 37.94 -19.74 13.33
C LYS A 241 37.90 -18.65 12.26
N VAL A 242 37.75 -19.09 11.01
CA VAL A 242 37.63 -18.19 9.88
C VAL A 242 36.28 -17.50 9.84
N ALA A 243 36.31 -16.20 9.65
CA ALA A 243 35.09 -15.49 9.28
C ALA A 243 34.63 -15.97 7.92
N VAL A 244 33.40 -16.50 7.86
CA VAL A 244 32.82 -17.00 6.63
C VAL A 244 31.40 -16.44 6.51
N ALA A 245 30.76 -16.75 5.38
CA ALA A 245 29.40 -16.29 5.09
C ALA A 245 28.85 -17.15 3.98
N PRO A 246 27.52 -17.27 3.88
CA PRO A 246 26.93 -18.01 2.75
C PRO A 246 27.10 -17.24 1.45
N ASP A 247 27.26 -18.00 0.36
CA ASP A 247 27.70 -17.52 -0.95
C ASP A 247 26.56 -16.96 -1.80
N GLY A 248 25.64 -16.19 -1.22
CA GLY A 248 24.55 -15.60 -1.99
C GLY A 248 23.42 -16.54 -2.34
N ASN A 249 22.19 -16.00 -2.47
CA ASN A 249 21.05 -16.82 -2.86
C ASN A 249 21.24 -17.47 -4.21
N GLY A 250 22.21 -17.01 -5.02
CA GLY A 250 22.60 -17.76 -6.21
C GLY A 250 23.32 -19.05 -5.89
N GLY A 251 23.77 -19.23 -4.65
CA GLY A 251 24.39 -20.48 -4.27
C GLY A 251 23.46 -21.68 -4.30
N ILE A 252 22.15 -21.44 -4.45
CA ILE A 252 21.17 -22.52 -4.37
C ILE A 252 21.45 -23.60 -5.41
N TYR A 253 21.81 -23.20 -6.62
CA TYR A 253 21.91 -24.15 -7.73
C TYR A 253 22.98 -25.21 -7.44
N GLN A 254 24.20 -24.77 -7.10
CA GLN A 254 25.25 -25.70 -6.68
C GLN A 254 24.84 -26.46 -5.43
N ALA A 255 24.21 -25.79 -4.47
CA ALA A 255 23.79 -26.48 -3.25
C ALA A 255 22.85 -27.65 -3.55
N LEU A 256 21.98 -27.52 -4.56
CA LEU A 256 21.06 -28.60 -4.87
C LEU A 256 21.81 -29.87 -5.28
N LEU A 257 22.98 -29.72 -5.88
CA LEU A 257 23.78 -30.88 -6.26
C LEU A 257 24.51 -31.44 -5.04
N THR A 258 25.35 -30.61 -4.41
CA THR A 258 26.23 -31.10 -3.35
C THR A 258 25.46 -31.81 -2.26
N SER A 259 24.32 -31.26 -1.85
CA SER A 259 23.54 -31.87 -0.77
C SER A 259 22.82 -33.12 -1.20
N GLY A 260 22.79 -33.44 -2.49
CA GLY A 260 21.94 -34.53 -2.97
C GLY A 260 20.46 -34.21 -3.10
N VAL A 261 20.07 -32.92 -3.03
CA VAL A 261 18.65 -32.57 -3.12
C VAL A 261 18.09 -32.84 -4.50
N ARG A 262 18.83 -32.46 -5.55
CA ARG A 262 18.35 -32.73 -6.91
C ARG A 262 18.18 -34.23 -7.13
N GLU A 263 19.12 -35.03 -6.64
CA GLU A 263 19.01 -36.48 -6.78
C GLU A 263 17.79 -37.02 -6.02
N ASP A 264 17.50 -36.45 -4.85
CA ASP A 264 16.32 -36.88 -4.09
C ASP A 264 15.03 -36.52 -4.83
N MET A 265 15.01 -35.34 -5.48
CA MET A 265 13.86 -34.96 -6.28
C MET A 265 13.68 -35.88 -7.47
N ARG A 266 14.80 -36.33 -8.05
CA ARG A 266 14.75 -37.23 -9.19
C ARG A 266 14.08 -38.55 -8.82
N LYS A 267 14.54 -39.18 -7.74
CA LYS A 267 13.95 -40.41 -7.25
C LYS A 267 12.46 -40.27 -7.00
N ARG A 268 12.03 -39.09 -6.50
CA ARG A 268 10.64 -38.85 -6.18
C ARG A 268 9.79 -38.53 -7.41
N GLY A 269 10.40 -38.26 -8.56
CA GLY A 269 9.59 -37.82 -9.68
C GLY A 269 9.14 -36.37 -9.60
N ILE A 270 9.92 -35.51 -8.92
CA ILE A 270 9.60 -34.08 -8.87
C ILE A 270 9.70 -33.50 -10.28
N GLU A 271 8.72 -32.68 -10.67
CA GLU A 271 8.79 -31.98 -11.94
C GLU A 271 8.65 -30.47 -11.84
N HIS A 272 8.29 -29.95 -10.66
CA HIS A 272 8.04 -28.53 -10.51
C HIS A 272 8.47 -28.11 -9.12
N ILE A 273 9.10 -26.95 -9.02
CA ILE A 273 9.77 -26.55 -7.80
C ILE A 273 9.48 -25.08 -7.54
N HIS A 274 9.03 -24.79 -6.33
CA HIS A 274 8.74 -23.43 -5.88
C HIS A 274 9.83 -23.04 -4.90
N THR A 275 10.41 -21.86 -5.09
CA THR A 275 11.40 -21.31 -4.19
C THR A 275 10.93 -19.94 -3.72
N TYR A 276 11.22 -19.66 -2.45
CA TYR A 276 10.94 -18.36 -1.86
C TYR A 276 11.77 -18.23 -0.58
N CYS A 277 11.72 -17.03 0.00
CA CYS A 277 12.46 -16.73 1.21
CA CYS A 277 12.47 -16.71 1.22
C CYS A 277 11.53 -16.76 2.42
N VAL A 278 12.02 -17.37 3.50
CA VAL A 278 11.24 -17.60 4.70
C VAL A 278 10.64 -16.32 5.28
N ASP A 279 11.19 -15.15 4.94
CA ASP A 279 10.67 -13.95 5.58
C ASP A 279 9.35 -13.47 4.99
N ASN A 280 8.87 -14.05 3.89
CA ASN A 280 7.56 -13.64 3.34
C ASN A 280 6.47 -14.35 4.16
N CYS A 281 5.91 -13.63 5.13
CA CYS A 281 4.98 -14.27 6.06
CA CYS A 281 4.96 -14.21 6.09
C CYS A 281 3.62 -14.57 5.45
N LEU A 282 3.34 -14.10 4.24
CA LEU A 282 2.10 -14.42 3.51
C LEU A 282 2.32 -15.41 2.39
N VAL A 283 3.52 -15.98 2.25
CA VAL A 283 3.84 -16.78 1.06
C VAL A 283 2.80 -17.85 0.84
N LYS A 284 2.26 -17.90 -0.38
CA LYS A 284 1.45 -19.05 -0.79
C LYS A 284 2.42 -20.16 -1.14
N VAL A 285 2.63 -21.08 -0.20
CA VAL A 285 3.61 -22.13 -0.39
C VAL A 285 3.12 -23.08 -1.47
N ALA A 286 3.96 -23.33 -2.48
CA ALA A 286 3.65 -24.31 -3.53
C ALA A 286 2.37 -23.92 -4.28
N ASP A 287 2.11 -22.61 -4.40
CA ASP A 287 0.87 -22.05 -4.94
C ASP A 287 0.47 -22.73 -6.25
N PRO A 288 -0.69 -23.40 -6.29
CA PRO A 288 -1.17 -24.03 -7.55
C PRO A 288 -1.31 -23.09 -8.74
N VAL A 289 -1.82 -21.87 -8.53
CA VAL A 289 -1.98 -20.95 -9.65
C VAL A 289 -0.64 -20.66 -10.30
N PHE A 290 0.39 -20.45 -9.48
CA PHE A 290 1.75 -20.30 -9.99
C PHE A 290 2.19 -21.56 -10.73
N ILE A 291 2.10 -22.72 -10.05
CA ILE A 291 2.53 -23.97 -10.66
C ILE A 291 1.82 -24.18 -11.99
N GLY A 292 0.49 -24.01 -12.00
CA GLY A 292 -0.28 -24.29 -13.20
C GLY A 292 0.08 -23.37 -14.33
N PHE A 293 0.17 -22.06 -14.04
CA PHE A 293 0.65 -21.08 -15.01
C PHE A 293 1.97 -21.50 -15.65
N ALA A 294 3.01 -21.71 -14.84
CA ALA A 294 4.33 -21.98 -15.39
C ALA A 294 4.33 -23.23 -16.26
N ALA A 295 3.74 -24.32 -15.75
CA ALA A 295 3.77 -25.58 -16.48
C ALA A 295 2.85 -25.58 -17.71
N SER A 296 1.86 -24.70 -17.77
CA SER A 296 1.08 -24.61 -19.00
C SER A 296 1.91 -23.99 -20.12
N LYS A 297 2.81 -23.08 -19.78
CA LYS A 297 3.73 -22.51 -20.75
C LYS A 297 5.03 -23.30 -20.88
N GLN A 298 5.25 -24.28 -20.01
CA GLN A 298 6.41 -25.18 -20.10
C GLN A 298 7.72 -24.40 -20.11
N VAL A 299 7.89 -23.53 -19.11
CA VAL A 299 9.06 -22.67 -19.03
C VAL A 299 10.14 -23.36 -18.20
N ASP A 300 11.38 -22.91 -18.38
CA ASP A 300 12.41 -23.34 -17.45
C ASP A 300 12.28 -22.61 -16.11
N ILE A 301 11.87 -21.35 -16.14
CA ILE A 301 11.83 -20.48 -14.98
C ILE A 301 10.60 -19.58 -15.10
N ALA A 302 9.92 -19.32 -13.98
CA ALA A 302 8.87 -18.30 -13.92
C ALA A 302 9.04 -17.50 -12.63
N THR A 303 8.44 -16.31 -12.60
CA THR A 303 8.60 -15.46 -11.43
C THR A 303 7.28 -14.82 -11.03
N LYS A 304 7.20 -14.46 -9.76
CA LYS A 304 6.07 -13.79 -9.18
C LYS A 304 6.45 -12.35 -8.94
N VAL A 305 5.54 -11.44 -9.24
CA VAL A 305 5.73 -10.03 -8.96
C VAL A 305 4.48 -9.45 -8.32
N VAL A 306 4.63 -8.27 -7.73
CA VAL A 306 3.51 -7.45 -7.30
C VAL A 306 3.57 -6.14 -8.08
N ARG A 307 2.44 -5.43 -8.11
CA ARG A 307 2.34 -4.25 -8.93
C ARG A 307 3.10 -3.09 -8.31
N LYS A 308 4.00 -2.48 -9.09
CA LYS A 308 4.56 -1.17 -8.73
C LYS A 308 3.57 -0.11 -9.22
N ARG A 309 2.97 0.61 -8.28
CA ARG A 309 1.87 1.52 -8.60
C ARG A 309 2.32 2.97 -8.75
N ASN A 310 3.34 3.41 -8.02
CA ASN A 310 3.90 4.74 -8.12
C ASN A 310 5.32 4.65 -8.67
N ALA A 311 5.64 5.56 -9.61
CA ALA A 311 6.91 5.48 -10.32
C ALA A 311 8.14 5.60 -9.40
N THR A 312 7.99 6.19 -8.21
CA THR A 312 9.15 6.43 -7.37
C THR A 312 9.49 5.27 -6.43
N GLU A 313 8.66 4.22 -6.35
CA GLU A 313 8.96 3.07 -5.50
C GLU A 313 10.32 2.48 -5.85
N SER A 314 11.13 2.23 -4.83
CA SER A 314 12.47 1.66 -5.02
C SER A 314 12.36 0.13 -4.99
N VAL A 315 11.98 -0.44 -6.12
CA VAL A 315 11.77 -1.88 -6.24
C VAL A 315 12.56 -2.40 -7.43
N GLY A 316 13.13 -3.60 -7.30
CA GLY A 316 13.65 -4.29 -8.46
C GLY A 316 12.55 -4.69 -9.42
N LEU A 317 12.88 -4.72 -10.71
CA LEU A 317 11.89 -4.99 -11.73
C LEU A 317 12.30 -6.17 -12.59
N ILE A 318 11.35 -7.05 -12.85
CA ILE A 318 11.58 -8.11 -13.81
C ILE A 318 11.33 -7.55 -15.19
N LEU A 319 12.28 -7.77 -16.09
CA LEU A 319 12.46 -6.90 -17.24
C LEU A 319 13.13 -7.66 -18.36
N GLN A 320 12.98 -7.13 -19.55
CA GLN A 320 13.83 -7.50 -20.68
C GLN A 320 14.94 -6.47 -20.72
N LYS A 321 16.13 -6.88 -20.29
CA LYS A 321 17.33 -6.06 -20.37
C LYS A 321 18.18 -6.63 -21.49
N ASN A 322 18.34 -5.86 -22.57
CA ASN A 322 19.10 -6.27 -23.75
C ASN A 322 18.51 -7.52 -24.38
N GLY A 323 17.18 -7.57 -24.51
CA GLY A 323 16.51 -8.72 -25.08
C GLY A 323 16.54 -10.00 -24.26
N LYS A 324 16.98 -9.95 -23.01
CA LYS A 324 17.05 -11.11 -22.14
C LYS A 324 16.25 -10.86 -20.88
N PRO A 325 15.63 -11.91 -20.33
CA PRO A 325 14.92 -11.73 -19.05
C PRO A 325 15.91 -11.42 -17.95
N ASP A 326 15.53 -10.49 -17.07
CA ASP A 326 16.46 -10.05 -16.04
C ASP A 326 15.71 -9.32 -14.92
N VAL A 327 16.43 -9.10 -13.82
CA VAL A 327 15.96 -8.31 -12.67
C VAL A 327 16.84 -7.08 -12.59
N VAL A 328 16.23 -5.91 -12.69
CA VAL A 328 16.98 -4.65 -12.77
C VAL A 328 16.73 -3.86 -11.49
N GLU A 329 17.81 -3.50 -10.78
CA GLU A 329 17.69 -2.66 -9.60
C GLU A 329 17.01 -1.33 -9.94
N TYR A 330 16.37 -0.73 -8.92
CA TYR A 330 15.69 0.54 -9.14
C TYR A 330 16.67 1.64 -9.52
N SER A 331 17.92 1.54 -9.10
CA SER A 331 18.89 2.60 -9.36
C SER A 331 19.21 2.71 -10.85
N GLU A 332 19.24 1.58 -11.56
CA GLU A 332 19.54 1.59 -12.98
C GLU A 332 18.35 1.95 -13.85
N ILE A 333 17.26 2.42 -13.23
CA ILE A 333 16.04 2.76 -13.96
C ILE A 333 15.96 4.28 -14.04
N ASP A 334 15.89 4.80 -15.26
CA ASP A 334 15.83 6.24 -15.47
C ASP A 334 14.46 6.78 -15.05
N LYS A 335 14.45 8.08 -14.72
CA LYS A 335 13.21 8.75 -14.33
C LYS A 335 12.15 8.66 -15.43
N GLU A 336 12.56 8.82 -16.69
CA GLU A 336 11.60 8.72 -17.80
C GLU A 336 11.01 7.32 -17.88
N THR A 337 11.87 6.29 -17.90
CA THR A 337 11.40 4.90 -17.98
C THR A 337 10.62 4.50 -16.74
N ALA A 338 11.03 4.99 -15.56
CA ALA A 338 10.26 4.76 -14.34
C ALA A 338 8.87 5.34 -14.45
N GLU A 339 8.76 6.54 -15.04
CA GLU A 339 7.49 7.24 -15.14
C GLU A 339 6.64 6.78 -16.32
N ALA A 340 7.25 6.10 -17.29
CA ALA A 340 6.54 5.72 -18.51
C ALA A 340 5.24 4.96 -18.19
N LYS A 341 4.14 5.39 -18.81
CA LYS A 341 2.85 4.71 -18.67
C LYS A 341 2.68 3.69 -19.80
N ASP A 342 1.89 2.67 -19.52
CA ASP A 342 1.73 1.58 -20.47
C ASP A 342 0.87 2.09 -21.61
N PRO A 343 1.34 2.04 -22.86
CA PRO A 343 0.46 2.36 -24.00
C PRO A 343 -0.92 1.70 -23.90
N LYS A 344 -0.98 0.39 -23.70
CA LYS A 344 -2.24 -0.34 -23.72
C LYS A 344 -2.98 -0.33 -22.39
N GLN A 345 -2.60 0.55 -21.44
CA GLN A 345 -3.20 0.62 -20.11
C GLN A 345 -2.67 1.82 -19.33
N PRO A 346 -3.04 3.04 -19.68
CA PRO A 346 -2.47 4.23 -19.00
C PRO A 346 -2.83 4.36 -17.54
N ASP A 347 -3.75 3.54 -17.02
CA ASP A 347 -3.95 3.58 -15.58
C ASP A 347 -2.79 2.95 -14.81
N VAL A 348 -1.90 2.21 -15.46
CA VAL A 348 -0.78 1.53 -14.82
C VAL A 348 0.53 1.98 -15.47
N LEU A 349 1.63 1.75 -14.74
CA LEU A 349 2.97 2.05 -15.23
C LEU A 349 3.44 1.00 -16.24
N LYS A 350 4.25 1.46 -17.21
CA LYS A 350 4.83 0.56 -18.21
C LYS A 350 5.68 -0.53 -17.54
N PHE A 351 6.63 -0.13 -16.70
CA PHE A 351 7.50 -1.07 -15.99
C PHE A 351 6.97 -1.18 -14.57
N ARG A 352 6.24 -2.28 -14.30
CA ARG A 352 5.53 -2.38 -13.03
C ARG A 352 5.69 -3.74 -12.35
N ALA A 353 6.54 -4.62 -12.85
CA ALA A 353 6.67 -5.97 -12.31
C ALA A 353 7.72 -5.98 -11.21
N ALA A 354 7.26 -5.82 -9.95
CA ALA A 354 8.12 -5.66 -8.79
C ALA A 354 8.54 -7.02 -8.24
N ASN A 355 9.84 -7.27 -8.23
CA ASN A 355 10.40 -8.58 -7.86
C ASN A 355 10.13 -8.87 -6.38
N ILE A 356 9.71 -10.10 -6.08
CA ILE A 356 9.55 -10.48 -4.68
C ILE A 356 10.27 -11.77 -4.36
N VAL A 357 11.29 -12.10 -5.15
CA VAL A 357 12.09 -13.31 -4.93
C VAL A 357 11.19 -14.51 -4.71
N ASN A 358 10.39 -14.87 -5.72
CA ASN A 358 9.43 -15.95 -5.59
C ASN A 358 9.39 -16.62 -6.98
N HIS A 359 9.99 -17.81 -7.08
CA HIS A 359 10.44 -18.38 -8.35
C HIS A 359 9.88 -19.77 -8.57
N TYR A 360 9.75 -20.13 -9.85
CA TYR A 360 9.38 -21.47 -10.27
C TYR A 360 10.47 -22.03 -11.17
N TYR A 361 10.79 -23.33 -11.00
CA TYR A 361 11.73 -24.00 -11.90
C TYR A 361 11.14 -25.32 -12.39
N SER A 362 11.48 -25.68 -13.61
CA SER A 362 11.27 -27.06 -14.04
C SER A 362 12.39 -27.96 -13.51
N PHE A 363 12.07 -29.25 -13.32
CA PHE A 363 13.14 -30.19 -12.96
C PHE A 363 14.17 -30.32 -14.08
N LYS A 364 13.71 -30.36 -15.34
CA LYS A 364 14.63 -30.33 -16.46
C LYS A 364 15.66 -29.21 -16.32
N PHE A 365 15.23 -28.04 -15.84
CA PHE A 365 16.18 -26.95 -15.69
C PHE A 365 17.23 -27.27 -14.64
N PHE A 366 16.81 -27.90 -13.54
CA PHE A 366 17.77 -28.30 -12.53
C PHE A 366 18.77 -29.31 -13.10
N GLU A 367 18.31 -30.18 -14.00
CA GLU A 367 19.21 -31.18 -14.57
C GLU A 367 20.35 -30.54 -15.35
N SER A 368 20.18 -29.30 -15.80
CA SER A 368 21.16 -28.64 -16.62
C SER A 368 22.14 -27.79 -15.82
N ILE A 369 22.06 -27.84 -14.49
CA ILE A 369 22.88 -26.95 -13.66
C ILE A 369 24.37 -27.13 -13.97
N GLU A 370 24.80 -28.37 -14.25
CA GLU A 370 26.23 -28.58 -14.48
C GLU A 370 26.73 -27.83 -15.70
N LEU A 371 25.85 -27.43 -16.61
CA LEU A 371 26.33 -26.76 -17.80
C LEU A 371 26.76 -25.33 -17.50
N TRP A 372 25.98 -24.62 -16.68
CA TRP A 372 26.12 -23.18 -16.52
C TRP A 372 26.42 -22.72 -15.09
N ALA A 373 26.49 -23.63 -14.12
CA ALA A 373 26.64 -23.20 -12.73
C ALA A 373 27.92 -22.39 -12.53
N HIS A 374 28.98 -22.73 -13.28
CA HIS A 374 30.24 -22.00 -13.17
C HIS A 374 30.14 -20.62 -13.82
N LYS A 375 29.26 -20.47 -14.79
CA LYS A 375 29.06 -19.22 -15.49
C LYS A 375 28.49 -18.11 -14.61
N LEU A 376 28.25 -18.36 -13.31
CA LEU A 376 27.54 -17.39 -12.49
C LEU A 376 28.54 -16.58 -11.69
N PRO A 377 28.65 -15.27 -11.93
CA PRO A 377 29.65 -14.48 -11.22
C PRO A 377 29.38 -14.43 -9.73
N HIS A 378 30.45 -14.34 -8.95
CA HIS A 378 30.38 -14.00 -7.54
C HIS A 378 30.49 -12.49 -7.41
N HIS A 379 29.38 -11.83 -7.11
CA HIS A 379 29.36 -10.39 -6.95
C HIS A 379 30.05 -9.99 -5.64
N VAL A 380 30.24 -8.68 -5.45
CA VAL A 380 30.92 -8.13 -4.29
C VAL A 380 29.90 -7.43 -3.40
N ALA A 381 29.86 -7.81 -2.12
CA ALA A 381 28.95 -7.23 -1.15
C ALA A 381 29.79 -6.56 -0.06
N ARG A 382 29.82 -5.22 -0.07
CA ARG A 382 30.66 -4.47 0.86
C ARG A 382 29.95 -4.32 2.20
N LYS A 383 30.54 -4.87 3.25
CA LYS A 383 29.91 -4.88 4.57
C LYS A 383 30.91 -4.48 5.66
N PRO A 401 32.43 -1.42 5.77
CA PRO A 401 33.56 -0.74 5.14
C PRO A 401 34.89 -1.48 5.33
N ASN A 402 34.85 -2.58 6.07
CA ASN A 402 36.06 -3.38 6.30
C ASN A 402 36.26 -4.44 5.24
N GLY A 403 35.21 -5.16 4.88
CA GLY A 403 35.39 -6.30 4.00
C GLY A 403 34.45 -6.43 2.83
N ILE A 404 34.48 -7.61 2.19
CA ILE A 404 33.71 -7.97 1.00
C ILE A 404 33.02 -9.32 1.24
N LYS A 405 31.79 -9.53 0.72
CA LYS A 405 31.17 -10.88 0.65
C LYS A 405 30.89 -11.27 -0.80
N LEU A 406 31.52 -12.36 -1.24
CA LEU A 406 31.27 -12.89 -2.57
C LEU A 406 29.94 -13.63 -2.55
N GLU A 407 28.97 -13.13 -3.31
CA GLU A 407 27.61 -13.68 -3.35
C GLU A 407 27.16 -13.84 -4.79
N GLN A 408 26.87 -15.08 -5.19
CA GLN A 408 26.17 -15.32 -6.44
C GLN A 408 24.70 -14.93 -6.31
N PHE A 409 24.10 -14.52 -7.42
CA PHE A 409 22.76 -13.96 -7.44
C PHE A 409 21.79 -14.94 -8.10
N VAL A 410 20.66 -15.18 -7.44
CA VAL A 410 19.75 -16.21 -7.91
C VAL A 410 19.24 -15.91 -9.31
N PHE A 411 19.18 -14.64 -9.68
CA PHE A 411 18.54 -14.29 -10.94
C PHE A 411 19.52 -14.16 -12.09
N ASP A 412 20.84 -14.22 -11.83
CA ASP A 412 21.81 -14.06 -12.91
C ASP A 412 21.67 -15.11 -14.00
N VAL A 413 21.07 -16.25 -13.68
CA VAL A 413 20.74 -17.25 -14.68
C VAL A 413 19.57 -16.83 -15.56
N PHE A 414 18.82 -15.79 -15.16
CA PHE A 414 17.68 -15.36 -15.96
C PHE A 414 18.09 -14.97 -17.37
N PRO A 415 19.06 -14.07 -17.60
CA PRO A 415 19.43 -13.71 -18.98
C PRO A 415 19.88 -14.88 -19.82
N MET A 416 20.34 -15.97 -19.20
CA MET A 416 20.75 -17.14 -19.95
C MET A 416 19.57 -17.97 -20.41
N THR A 417 18.43 -17.67 -19.91
CA THR A 417 17.24 -18.42 -20.28
C THR A 417 16.65 -17.83 -21.55
N PRO A 418 16.43 -18.65 -22.58
CA PRO A 418 15.67 -18.19 -23.74
C PRO A 418 14.34 -17.58 -23.33
N LEU A 419 13.96 -16.52 -24.05
CA LEU A 419 12.76 -15.76 -23.71
C LEU A 419 11.53 -16.65 -23.66
N GLU A 420 11.44 -17.60 -24.58
CA GLU A 420 10.25 -18.44 -24.61
C GLU A 420 10.22 -19.45 -23.45
N LYS A 421 11.34 -19.63 -22.75
CA LYS A 421 11.41 -20.52 -21.59
C LYS A 421 11.22 -19.77 -20.26
N PHE A 422 10.78 -18.49 -20.31
CA PHE A 422 10.67 -17.65 -19.12
C PHE A 422 9.28 -17.01 -19.05
N ALA A 423 8.74 -16.90 -17.82
CA ALA A 423 7.38 -16.36 -17.64
C ALA A 423 7.29 -15.60 -16.32
N CYS A 424 6.18 -14.86 -16.15
CA CYS A 424 6.07 -13.90 -15.06
C CYS A 424 4.60 -13.62 -14.76
N ILE A 425 4.19 -13.79 -13.49
CA ILE A 425 2.79 -13.60 -13.10
C ILE A 425 2.73 -12.58 -11.98
N GLU A 426 1.95 -11.52 -12.20
CA GLU A 426 1.68 -10.50 -11.22
C GLU A 426 0.57 -10.97 -10.29
N VAL A 427 0.77 -10.75 -8.99
CA VAL A 427 -0.16 -11.22 -7.97
C VAL A 427 -0.56 -10.06 -7.07
N ARG A 428 -1.49 -10.33 -6.16
CA ARG A 428 -2.01 -9.33 -5.22
C ARG A 428 -1.09 -9.27 -4.00
N ARG A 429 -0.37 -8.15 -3.86
CA ARG A 429 0.43 -7.84 -2.68
C ARG A 429 -0.22 -8.26 -1.37
N GLU A 430 -1.47 -7.83 -1.13
CA GLU A 430 -2.09 -7.96 0.17
C GLU A 430 -2.41 -9.41 0.51
N ASP A 431 -2.38 -10.30 -0.47
CA ASP A 431 -2.62 -11.71 -0.26
C ASP A 431 -1.35 -12.54 -0.29
N GLU A 432 -0.20 -11.97 -0.68
CA GLU A 432 0.91 -12.78 -1.16
C GLU A 432 2.31 -12.35 -0.70
N PHE A 433 2.52 -11.14 -0.20
CA PHE A 433 3.88 -10.68 0.05
C PHE A 433 3.79 -9.69 1.22
N SER A 434 4.21 -10.14 2.39
CA SER A 434 4.38 -9.29 3.57
C SER A 434 5.71 -9.67 4.19
N PRO A 435 6.79 -8.99 3.82
CA PRO A 435 8.12 -9.42 4.25
C PRO A 435 8.47 -8.97 5.66
N LEU A 436 9.09 -9.87 6.40
CA LEU A 436 9.60 -9.55 7.73
C LEU A 436 11.08 -9.17 7.58
N LYS A 437 11.40 -7.90 7.81
CA LYS A 437 12.75 -7.42 7.56
C LYS A 437 13.32 -6.55 8.68
N ASN A 438 12.47 -5.87 9.46
CA ASN A 438 12.91 -4.84 10.38
C ASN A 438 12.33 -5.06 11.77
N ALA A 439 13.00 -4.47 12.77
CA ALA A 439 12.55 -4.57 14.15
C ALA A 439 11.24 -3.82 14.37
N ARG A 440 10.58 -4.11 15.49
CA ARG A 440 9.30 -3.47 15.77
C ARG A 440 9.49 -1.97 15.96
N GLY A 441 8.44 -1.21 15.64
CA GLY A 441 8.48 0.23 15.70
C GLY A 441 9.04 0.91 14.47
N THR A 442 9.75 0.16 13.59
CA THR A 442 10.23 0.73 12.35
C THR A 442 9.09 1.33 11.53
N GLY A 443 7.94 0.64 11.50
CA GLY A 443 6.77 1.08 10.76
C GLY A 443 6.63 0.50 9.38
N GLU A 444 7.52 -0.40 8.97
CA GLU A 444 7.59 -0.87 7.59
C GLU A 444 8.32 -2.22 7.56
N ASP A 445 7.72 -3.21 6.91
CA ASP A 445 8.32 -4.55 6.81
C ASP A 445 8.74 -5.07 8.18
N ASP A 446 7.88 -4.88 9.18
CA ASP A 446 8.24 -5.22 10.55
C ASP A 446 7.25 -6.27 11.07
N PRO A 447 7.42 -6.79 12.30
CA PRO A 447 6.42 -7.76 12.80
C PRO A 447 5.01 -7.22 12.84
N ASP A 448 4.85 -5.90 12.95
CA ASP A 448 3.52 -5.30 13.06
C ASP A 448 2.81 -5.28 11.72
N THR A 449 3.50 -4.84 10.66
CA THR A 449 2.92 -4.90 9.32
C THR A 449 2.64 -6.34 8.92
N SER A 450 3.54 -7.25 9.28
CA SER A 450 3.31 -8.66 9.03
C SER A 450 2.06 -9.15 9.76
N LYS A 451 2.00 -8.93 11.07
CA LYS A 451 0.82 -9.28 11.84
C LYS A 451 -0.44 -8.71 11.21
N ARG A 452 -0.41 -7.41 10.87
CA ARG A 452 -1.59 -6.73 10.34
C ARG A 452 -2.01 -7.29 8.98
N ASP A 453 -1.04 -7.61 8.12
CA ASP A 453 -1.39 -8.15 6.81
C ASP A 453 -2.10 -9.49 6.95
N ILE A 454 -1.64 -10.34 7.87
CA ILE A 454 -2.24 -11.65 8.05
C ILE A 454 -3.63 -11.53 8.65
N MET A 455 -3.76 -10.73 9.72
CA MET A 455 -5.07 -10.57 10.36
C MET A 455 -6.03 -9.80 9.47
N SER A 456 -5.55 -8.87 8.65
CA SER A 456 -6.43 -8.22 7.68
C SER A 456 -6.93 -9.21 6.64
N GLN A 457 -6.02 -10.02 6.09
CA GLN A 457 -6.44 -11.06 5.16
C GLN A 457 -7.46 -12.00 5.80
N GLY A 458 -7.24 -12.36 7.08
CA GLY A 458 -8.15 -13.28 7.73
C GLY A 458 -9.57 -12.74 7.83
N GLN A 459 -9.70 -11.47 8.24
CA GLN A 459 -11.00 -10.82 8.27
C GLN A 459 -11.64 -10.77 6.88
N ARG A 460 -10.85 -10.42 5.85
CA ARG A 460 -11.38 -10.38 4.50
C ARG A 460 -11.99 -11.72 4.10
N TRP A 461 -11.21 -12.79 4.24
CA TRP A 461 -11.68 -14.12 3.89
C TRP A 461 -12.99 -14.43 4.60
N ILE A 462 -13.05 -14.20 5.91
CA ILE A 462 -14.27 -14.48 6.67
C ILE A 462 -15.43 -13.67 6.13
N GLU A 463 -15.26 -12.34 6.11
CA GLU A 463 -16.32 -11.45 5.62
C GLU A 463 -16.80 -11.84 4.23
N LYS A 464 -15.89 -12.34 3.38
CA LYS A 464 -16.29 -12.78 2.05
C LYS A 464 -17.19 -14.01 2.10
N ALA A 465 -17.04 -14.87 3.11
CA ALA A 465 -17.90 -16.05 3.19
C ALA A 465 -19.15 -15.82 4.03
N GLY A 466 -19.37 -14.62 4.54
CA GLY A 466 -20.58 -14.29 5.28
C GLY A 466 -20.41 -14.10 6.77
N GLY A 467 -19.19 -14.18 7.29
CA GLY A 467 -19.00 -13.98 8.70
C GLY A 467 -19.10 -12.52 9.08
N ILE A 468 -19.40 -12.28 10.36
CA ILE A 468 -19.57 -10.94 10.89
C ILE A 468 -18.49 -10.73 11.95
N VAL A 469 -17.47 -9.93 11.61
CA VAL A 469 -16.35 -9.66 12.50
C VAL A 469 -16.59 -8.31 13.17
N ILE A 470 -16.43 -8.25 14.49
CA ILE A 470 -16.72 -7.06 15.28
C ILE A 470 -15.42 -6.55 15.90
N THR A 471 -15.12 -5.27 15.65
CA THR A 471 -13.89 -4.64 16.12
C THR A 471 -14.26 -3.52 17.09
N GLU A 472 -13.80 -3.64 18.33
CA GLU A 472 -14.00 -2.62 19.34
C GLU A 472 -12.68 -2.01 19.83
N GLY A 473 -11.58 -2.31 19.15
CA GLY A 473 -10.27 -1.79 19.52
C GLY A 473 -9.40 -1.52 18.30
N VAL A 476 -7.15 -4.92 15.31
CA VAL A 476 -8.03 -5.27 14.21
C VAL A 476 -7.66 -6.63 13.56
N GLY A 477 -8.65 -7.27 12.92
CA GLY A 477 -8.40 -8.47 12.15
C GLY A 477 -8.59 -9.79 12.89
N VAL A 478 -8.46 -10.87 12.14
CA VAL A 478 -8.65 -12.24 12.63
C VAL A 478 -7.58 -13.12 12.05
N GLU A 479 -6.83 -13.81 12.92
CA GLU A 479 -5.87 -14.80 12.44
C GLU A 479 -6.61 -16.07 12.05
N VAL A 480 -6.59 -16.41 10.77
CA VAL A 480 -7.16 -17.67 10.27
C VAL A 480 -6.02 -18.65 10.06
N SER A 481 -6.09 -19.79 10.75
CA SER A 481 -5.01 -20.78 10.68
C SER A 481 -4.98 -21.40 9.28
N PRO A 482 -3.79 -21.70 8.74
CA PRO A 482 -3.73 -22.41 7.44
C PRO A 482 -4.49 -23.72 7.45
N LEU A 483 -4.61 -24.38 8.60
CA LEU A 483 -5.26 -25.68 8.64
C LEU A 483 -6.75 -25.57 8.40
N ILE A 484 -7.36 -24.45 8.79
CA ILE A 484 -8.73 -24.17 8.41
C ILE A 484 -8.81 -23.73 6.96
N SER A 485 -8.00 -22.74 6.57
CA SER A 485 -8.07 -22.26 5.19
C SER A 485 -6.69 -21.92 4.63
N TYR A 486 -6.39 -22.49 3.46
CA TYR A 486 -5.15 -22.22 2.76
C TYR A 486 -5.16 -20.85 2.12
N GLY A 487 -6.24 -20.55 1.37
CA GLY A 487 -6.33 -19.30 0.61
C GLY A 487 -7.70 -18.61 0.63
N GLY A 488 -8.46 -18.78 1.70
CA GLY A 488 -9.79 -18.20 1.79
C GLY A 488 -10.93 -19.16 1.53
N GLU A 489 -10.65 -20.34 0.98
CA GLU A 489 -11.67 -21.35 0.75
C GLU A 489 -12.05 -22.04 2.04
N GLY A 490 -13.19 -22.74 2.00
CA GLY A 490 -13.57 -23.58 3.11
C GLY A 490 -14.09 -22.86 4.35
N LEU A 491 -14.59 -21.65 4.23
CA LEU A 491 -15.03 -20.91 5.40
C LEU A 491 -16.55 -20.76 5.46
N GLU A 492 -17.29 -21.38 4.53
CA GLU A 492 -18.75 -21.27 4.55
C GLU A 492 -19.35 -21.66 5.89
N PHE A 493 -18.64 -22.48 6.69
CA PHE A 493 -19.13 -22.82 8.02
C PHE A 493 -19.23 -21.61 8.93
N LEU A 494 -18.51 -20.53 8.61
CA LEU A 494 -18.60 -19.31 9.40
C LEU A 494 -19.74 -18.41 8.95
N LYS A 495 -20.51 -18.79 7.92
CA LYS A 495 -21.56 -17.91 7.43
C LYS A 495 -22.58 -17.66 8.53
N GLY A 496 -22.87 -16.39 8.78
CA GLY A 496 -23.85 -15.99 9.76
C GLY A 496 -23.32 -15.72 11.15
N ARG A 497 -22.20 -16.33 11.54
CA ARG A 497 -21.73 -16.24 12.92
C ARG A 497 -20.98 -14.95 13.16
N GLU A 498 -21.00 -14.50 14.41
CA GLU A 498 -20.26 -13.34 14.85
C GLU A 498 -18.88 -13.74 15.38
N ILE A 499 -17.94 -12.79 15.35
CA ILE A 499 -16.56 -13.01 15.76
C ILE A 499 -15.99 -11.72 16.32
N LYS A 500 -15.42 -11.77 17.53
CA LYS A 500 -14.94 -10.58 18.23
C LYS A 500 -13.43 -10.41 18.00
N ALA A 501 -13.07 -9.45 17.15
CA ALA A 501 -11.66 -9.21 16.82
C ALA A 501 -10.93 -8.38 17.88
N PRO A 502 -9.66 -8.68 18.16
CA PRO A 502 -8.79 -9.76 17.64
C PRO A 502 -9.34 -11.17 17.91
N ALA A 503 -9.16 -12.09 16.97
CA ALA A 503 -9.63 -13.45 17.11
C ALA A 503 -8.73 -14.40 16.36
N PHE A 504 -8.93 -15.70 16.61
CA PHE A 504 -8.07 -16.76 16.09
C PHE A 504 -8.95 -17.96 15.78
N ILE A 505 -8.99 -18.36 14.51
CA ILE A 505 -9.76 -19.51 14.05
C ILE A 505 -8.79 -20.67 13.81
N GLU A 506 -9.07 -21.84 14.40
CA GLU A 506 -8.13 -22.95 14.42
C GLU A 506 -8.88 -24.27 14.29
N LYS A 507 -8.24 -25.23 13.60
CA LYS A 507 -8.80 -26.56 13.30
C LYS A 507 -9.50 -27.25 14.48
N SER B 28 24.56 9.48 -12.22
CA SER B 28 25.83 9.87 -12.86
C SER B 28 26.63 10.90 -12.06
N ALA B 29 27.96 10.81 -12.19
CA ALA B 29 28.82 11.66 -11.38
C ALA B 29 28.59 13.13 -11.66
N GLU B 30 28.28 13.47 -12.91
CA GLU B 30 28.25 14.87 -13.32
C GLU B 30 26.95 15.55 -12.91
N GLU B 31 25.80 14.89 -13.11
CA GLU B 31 24.55 15.47 -12.64
C GLU B 31 24.54 15.55 -11.12
N PHE B 32 25.11 14.55 -10.44
CA PHE B 32 25.10 14.58 -8.99
C PHE B 32 25.90 15.76 -8.47
N GLN B 33 27.03 16.05 -9.11
CA GLN B 33 27.79 17.23 -8.73
C GLN B 33 26.98 18.50 -8.96
N GLN B 34 26.28 18.57 -10.09
CA GLN B 34 25.45 19.74 -10.38
C GLN B 34 24.42 19.95 -9.27
N LEU B 35 23.63 18.92 -8.97
CA LEU B 35 22.60 19.05 -7.96
C LEU B 35 23.19 19.45 -6.62
N ARG B 36 24.37 18.90 -6.29
CA ARG B 36 25.04 19.28 -5.06
C ARG B 36 25.40 20.77 -5.04
N LYS B 37 25.69 21.37 -6.20
CA LYS B 37 25.96 22.80 -6.22
C LYS B 37 24.70 23.61 -5.94
N LYS B 38 23.61 23.32 -6.66
CA LYS B 38 22.36 24.07 -6.45
C LYS B 38 21.92 24.03 -5.00
N TYR B 39 21.99 22.85 -4.38
CA TYR B 39 21.56 22.75 -2.98
C TYR B 39 22.56 23.43 -2.05
N THR B 40 23.86 23.24 -2.28
CA THR B 40 24.83 23.85 -1.38
C THR B 40 24.80 25.37 -1.49
N ASP B 41 24.73 25.90 -2.72
CA ASP B 41 24.60 27.34 -2.90
C ASP B 41 23.39 27.89 -2.17
N ALA B 42 22.29 27.13 -2.15
CA ALA B 42 21.07 27.58 -1.48
C ALA B 42 21.11 27.36 0.03
N GLY B 43 22.24 26.93 0.58
CA GLY B 43 22.35 26.70 2.01
C GLY B 43 21.64 25.45 2.47
N GLN B 44 21.49 24.47 1.60
CA GLN B 44 20.81 23.22 1.93
C GLN B 44 21.74 22.03 1.71
N GLY B 45 23.04 22.28 1.81
CA GLY B 45 24.02 21.24 1.53
C GLY B 45 24.02 20.13 2.54
N HIS B 46 23.44 20.36 3.73
CA HIS B 46 23.36 19.35 4.78
C HIS B 46 22.69 18.05 4.30
N VAL B 47 21.80 18.13 3.31
CA VAL B 47 21.13 16.93 2.81
C VAL B 47 22.11 15.93 2.22
N PHE B 48 23.36 16.33 1.97
CA PHE B 48 24.37 15.44 1.44
C PHE B 48 25.34 14.95 2.51
N ALA B 49 25.12 15.31 3.78
CA ALA B 49 26.08 15.03 4.84
C ALA B 49 26.53 13.57 4.87
N PHE B 50 25.71 12.65 4.39
CA PHE B 50 25.96 11.23 4.58
C PHE B 50 26.19 10.48 3.28
N VAL B 51 26.39 11.21 2.16
CA VAL B 51 26.53 10.58 0.86
C VAL B 51 27.66 9.54 0.86
N ASP B 52 28.74 9.80 1.61
CA ASP B 52 29.94 8.99 1.51
C ASP B 52 29.72 7.54 1.95
N GLU B 53 28.80 7.30 2.89
CA GLU B 53 28.57 5.97 3.43
C GLU B 53 27.35 5.25 2.82
N LEU B 54 26.77 5.76 1.74
CA LEU B 54 25.50 5.22 1.27
C LEU B 54 25.68 4.13 0.22
N GLN B 55 24.76 3.16 0.24
CA GLN B 55 24.63 2.21 -0.85
C GLN B 55 24.32 2.93 -2.16
N THR B 56 24.70 2.30 -3.27
CA THR B 56 24.44 2.89 -4.59
C THR B 56 22.95 3.18 -4.78
N GLY B 57 22.08 2.31 -4.24
CA GLY B 57 20.65 2.59 -4.33
C GLY B 57 20.24 3.75 -3.45
N GLU B 58 20.83 3.84 -2.25
CA GLU B 58 20.57 4.98 -1.38
C GLU B 58 21.00 6.29 -2.07
N ARG B 59 22.11 6.25 -2.82
CA ARG B 59 22.56 7.44 -3.53
C ARG B 59 21.58 7.83 -4.65
N SER B 60 21.11 6.84 -5.41
CA SER B 60 20.15 7.11 -6.49
C SER B 60 18.85 7.68 -5.94
N GLN B 61 18.31 7.05 -4.89
CA GLN B 61 17.06 7.53 -4.31
C GLN B 61 17.17 8.99 -3.90
N LEU B 62 18.29 9.35 -3.24
CA LEU B 62 18.49 10.73 -2.78
C LEU B 62 18.55 11.69 -3.95
N PHE B 63 19.38 11.36 -4.95
CA PHE B 63 19.50 12.18 -6.15
C PHE B 63 18.15 12.49 -6.75
N HIS B 64 17.38 11.44 -7.05
CA HIS B 64 16.13 11.65 -7.78
C HIS B 64 15.11 12.39 -6.93
N GLN B 65 15.10 12.13 -5.62
CA GLN B 65 14.18 12.89 -4.77
C GLN B 65 14.59 14.37 -4.73
N LEU B 66 15.86 14.66 -4.42
CA LEU B 66 16.32 16.05 -4.39
C LEU B 66 16.12 16.75 -5.73
N SER B 67 16.27 16.03 -6.83
CA SER B 67 16.01 16.61 -8.14
C SER B 67 14.56 17.07 -8.32
N SER B 68 13.61 16.55 -7.53
CA SER B 68 12.21 16.89 -7.67
C SER B 68 11.82 18.14 -6.88
N PHE B 69 12.78 18.83 -6.28
CA PHE B 69 12.54 20.12 -5.66
C PHE B 69 13.57 21.13 -6.15
N ASP B 70 13.15 22.38 -6.20
CA ASP B 70 14.07 23.47 -6.42
C ASP B 70 14.39 24.09 -5.07
N PRO B 71 15.66 24.03 -4.62
CA PRO B 71 15.98 24.55 -3.28
C PRO B 71 15.70 26.03 -3.12
N VAL B 72 15.96 26.80 -4.18
CA VAL B 72 15.65 28.23 -4.15
C VAL B 72 14.16 28.43 -3.88
N ARG B 73 13.32 27.67 -4.58
CA ARG B 73 11.90 27.70 -4.32
C ARG B 73 11.59 27.30 -2.87
N ILE B 74 12.23 26.24 -2.38
CA ILE B 74 12.03 25.84 -0.99
C ILE B 74 12.45 26.95 -0.04
N ASN B 75 13.59 27.59 -0.31
CA ASN B 75 14.01 28.73 0.51
C ASN B 75 12.98 29.84 0.48
N GLU B 76 12.44 30.13 -0.69
CA GLU B 76 11.36 31.12 -0.76
C GLU B 76 10.21 30.73 0.17
N LEU B 77 9.75 29.47 0.10
CA LEU B 77 8.63 29.07 0.93
C LEU B 77 8.99 29.12 2.42
N ALA B 78 10.21 28.71 2.76
CA ALA B 78 10.60 28.66 4.17
C ALA B 78 10.65 30.06 4.76
N ASP B 79 11.26 30.98 4.04
CA ASP B 79 11.42 32.34 4.56
C ASP B 79 10.06 33.00 4.83
N LYS B 80 9.12 32.90 3.88
CA LYS B 80 7.76 33.43 4.09
C LYS B 80 7.12 32.82 5.34
N ALA B 81 7.15 31.50 5.43
CA ALA B 81 6.54 30.82 6.57
C ALA B 81 7.21 31.21 7.89
N LEU B 82 8.53 31.34 7.89
CA LEU B 82 9.27 31.49 9.14
C LEU B 82 9.65 32.93 9.47
N ASN B 83 9.63 33.84 8.48
CA ASN B 83 9.87 35.27 8.70
C ASN B 83 8.85 36.10 7.93
N PRO B 84 7.57 36.01 8.30
CA PRO B 84 6.54 36.79 7.58
C PRO B 84 6.46 38.21 8.11
N PRO B 85 6.39 39.21 7.22
CA PRO B 85 6.27 40.62 7.62
C PRO B 85 4.82 41.11 7.73
N ALA B 92 -8.70 43.97 8.83
CA ALA B 92 -9.47 43.38 7.73
C ALA B 92 -10.98 43.47 7.95
N SER B 93 -11.71 43.71 6.87
CA SER B 93 -13.17 43.78 6.90
C SER B 93 -13.76 42.35 6.91
N LEU B 94 -14.58 42.04 7.93
CA LEU B 94 -15.00 40.66 8.24
C LEU B 94 -16.47 40.61 8.62
N GLU B 95 -17.33 40.22 7.69
CA GLU B 95 -18.77 40.13 7.92
C GLU B 95 -19.31 38.81 7.38
N PRO B 96 -20.51 38.41 7.83
CA PRO B 96 -21.18 37.27 7.20
C PRO B 96 -21.55 37.58 5.76
N LEU B 97 -21.81 36.53 4.98
CA LEU B 97 -22.08 36.70 3.56
C LEU B 97 -23.40 37.44 3.33
N PRO B 98 -23.52 38.20 2.24
CA PRO B 98 -24.83 38.77 1.89
C PRO B 98 -25.80 37.68 1.46
N ASP B 99 -27.08 37.85 1.81
CA ASP B 99 -28.06 36.79 1.58
C ASP B 99 -28.18 36.41 0.12
N ILE B 100 -27.85 37.34 -0.79
CA ILE B 100 -27.91 37.03 -2.22
C ILE B 100 -26.98 35.87 -2.57
N ALA B 101 -25.93 35.65 -1.77
CA ALA B 101 -25.01 34.55 -2.01
C ALA B 101 -25.38 33.28 -1.24
N THR B 102 -26.28 33.38 -0.26
CA THR B 102 -26.61 32.25 0.59
C THR B 102 -27.97 31.69 0.26
N ALA B 103 -28.14 30.41 0.60
CA ALA B 103 -29.42 29.71 0.58
C ALA B 103 -29.44 28.73 1.74
N SER B 104 -30.59 28.07 1.91
CA SER B 104 -30.80 27.18 3.04
C SER B 104 -31.80 26.13 2.65
N ILE B 105 -31.48 24.87 2.95
CA ILE B 105 -32.46 23.79 2.90
C ILE B 105 -33.62 24.10 3.83
N LEU B 106 -33.34 24.75 4.96
CA LEU B 106 -34.34 25.09 5.97
C LEU B 106 -35.28 26.23 5.56
N ASP B 107 -34.85 27.09 4.63
CA ASP B 107 -35.53 28.32 4.26
C ASP B 107 -36.22 28.27 2.91
N SER B 108 -35.92 27.29 2.08
CA SER B 108 -36.11 27.44 0.65
C SER B 108 -37.52 27.07 0.21
N ASP B 109 -38.05 27.86 -0.72
CA ASP B 109 -39.32 27.58 -1.36
C ASP B 109 -39.37 26.11 -1.72
N PRO B 110 -40.39 25.39 -1.27
CA PRO B 110 -40.48 23.95 -1.60
C PRO B 110 -40.37 23.68 -3.08
N LYS B 111 -40.86 24.59 -3.92
CA LYS B 111 -40.75 24.39 -5.35
C LYS B 111 -39.30 24.52 -5.82
N ASP B 112 -38.53 25.41 -5.19
CA ASP B 112 -37.09 25.46 -5.47
C ASP B 112 -36.41 24.14 -5.12
N LEU B 113 -36.61 23.67 -3.89
CA LEU B 113 -36.01 22.41 -3.45
C LEU B 113 -36.31 21.29 -4.42
N GLU B 114 -37.54 21.25 -4.93
CA GLU B 114 -37.95 20.20 -5.86
C GLU B 114 -37.30 20.40 -7.22
N GLN B 115 -37.35 21.62 -7.78
CA GLN B 115 -36.73 21.85 -9.08
C GLN B 115 -35.23 21.57 -9.05
N TRP B 116 -34.54 22.01 -7.99
CA TRP B 116 -33.11 21.75 -7.89
C TRP B 116 -32.81 20.27 -7.94
N TYR B 117 -33.57 19.48 -7.18
CA TYR B 117 -33.40 18.01 -7.17
C TYR B 117 -33.60 17.42 -8.56
N GLU B 118 -34.71 17.75 -9.21
CA GLU B 118 -35.01 17.11 -10.48
C GLU B 118 -34.01 17.51 -11.55
N GLU B 119 -33.57 18.77 -11.57
CA GLU B 119 -32.53 19.13 -12.53
C GLU B 119 -31.17 18.53 -12.14
N GLY B 120 -30.86 18.45 -10.85
CA GLY B 120 -29.68 17.74 -10.42
C GLY B 120 -29.70 16.28 -10.85
N LEU B 121 -30.86 15.63 -10.75
CA LEU B 121 -30.96 14.25 -11.22
C LEU B 121 -30.80 14.19 -12.73
N LYS B 122 -31.46 15.11 -13.44
CA LYS B 122 -31.31 15.25 -14.88
C LYS B 122 -29.84 15.34 -15.28
N LEU B 123 -29.05 16.09 -14.53
CA LEU B 123 -27.65 16.25 -14.93
C LEU B 123 -26.91 14.95 -14.73
N VAL B 124 -27.19 14.24 -13.63
CA VAL B 124 -26.58 12.92 -13.42
C VAL B 124 -26.93 11.98 -14.58
N ALA B 125 -28.21 11.92 -14.92
CA ALA B 125 -28.64 11.03 -15.99
C ALA B 125 -28.00 11.40 -17.33
N GLY B 126 -27.66 12.68 -17.51
CA GLY B 126 -26.91 13.08 -18.68
C GLY B 126 -25.43 12.74 -18.67
N ASN B 127 -24.93 12.12 -17.59
CA ASN B 127 -23.51 11.77 -17.45
C ASN B 127 -22.61 12.98 -17.35
N LYS B 128 -23.10 14.08 -16.78
CA LYS B 128 -22.33 15.31 -16.73
C LYS B 128 -21.75 15.60 -15.36
N VAL B 129 -21.92 14.71 -14.39
CA VAL B 129 -21.52 14.96 -13.01
C VAL B 129 -20.37 14.02 -12.66
N ALA B 130 -19.33 14.57 -12.04
CA ALA B 130 -18.19 13.86 -11.53
C ALA B 130 -18.04 14.13 -10.04
N VAL B 131 -17.32 13.24 -9.34
CA VAL B 131 -17.06 13.36 -7.92
C VAL B 131 -15.58 13.21 -7.69
N VAL B 132 -14.99 14.15 -6.95
CA VAL B 132 -13.63 14.02 -6.46
C VAL B 132 -13.73 13.78 -4.97
N LEU B 133 -13.17 12.66 -4.54
CA LEU B 133 -13.10 12.33 -3.13
C LEU B 133 -11.72 12.70 -2.62
N MET B 134 -11.65 13.59 -1.63
CA MET B 134 -10.35 13.93 -1.03
C MET B 134 -10.09 12.93 0.08
N ALA B 135 -9.24 11.95 -0.22
CA ALA B 135 -8.92 10.85 0.71
C ALA B 135 -7.41 10.74 0.93
N GLY B 136 -6.75 11.89 1.03
CA GLY B 136 -5.33 11.95 1.31
C GLY B 136 -4.99 12.20 2.76
N GLY B 137 -6.00 12.45 3.60
CA GLY B 137 -5.72 12.64 5.02
C GLY B 137 -5.11 11.41 5.65
N GLN B 138 -4.21 11.65 6.60
CA GLN B 138 -3.55 10.58 7.35
C GLN B 138 -4.31 10.18 8.59
N GLY B 139 -5.26 11.02 9.04
CA GLY B 139 -6.06 10.71 10.20
C GLY B 139 -5.22 10.65 11.46
N THR B 140 -4.34 11.65 11.61
CA THR B 140 -3.45 11.68 12.76
C THR B 140 -4.27 11.72 14.05
N ARG B 141 -5.31 12.54 14.10
CA ARG B 141 -6.21 12.54 15.26
C ARG B 141 -6.90 11.21 15.43
N LEU B 142 -7.05 10.42 14.36
CA LEU B 142 -7.74 9.14 14.53
C LEU B 142 -6.82 8.04 15.03
N GLY B 143 -5.54 8.09 14.69
CA GLY B 143 -4.61 7.07 15.17
C GLY B 143 -4.92 5.68 14.69
N SER B 144 -5.26 5.52 13.42
CA SER B 144 -5.45 4.21 12.79
C SER B 144 -4.38 4.02 11.74
N SER B 145 -3.91 2.78 11.56
CA SER B 145 -2.86 2.56 10.59
C SER B 145 -3.39 2.51 9.16
N ALA B 146 -4.64 2.11 8.98
CA ALA B 146 -5.23 2.02 7.65
C ALA B 146 -5.75 3.38 7.19
N PRO B 147 -5.93 3.57 5.87
CA PRO B 147 -6.53 4.82 5.39
C PRO B 147 -7.88 5.05 6.03
N LYS B 148 -8.17 6.31 6.36
CA LYS B 148 -9.36 6.62 7.14
C LYS B 148 -10.63 6.10 6.46
N GLY B 149 -10.68 6.19 5.13
CA GLY B 149 -11.80 5.67 4.40
C GLY B 149 -12.06 4.19 4.56
N CYS B 150 -11.08 3.42 5.06
CA CYS B 150 -11.28 1.99 5.31
C CYS B 150 -11.93 1.70 6.67
N PHE B 151 -11.90 2.65 7.60
CA PHE B 151 -12.33 2.46 8.97
C PHE B 151 -13.78 1.97 9.09
N ASP B 152 -13.98 1.00 9.99
CA ASP B 152 -15.30 0.44 10.32
C ASP B 152 -15.82 1.12 11.59
N ILE B 153 -16.80 2.02 11.45
CA ILE B 153 -17.35 2.72 12.62
C ILE B 153 -18.27 1.80 13.44
N GLY B 154 -18.37 0.53 13.09
CA GLY B 154 -19.11 -0.42 13.90
C GLY B 154 -20.58 -0.56 13.57
N LEU B 155 -20.99 -0.23 12.35
CA LEU B 155 -22.37 -0.46 11.95
C LEU B 155 -22.65 -1.97 11.85
N PRO B 156 -23.92 -2.38 11.95
CA PRO B 156 -24.28 -3.79 11.72
C PRO B 156 -23.75 -4.34 10.41
N SER B 157 -23.63 -3.52 9.37
CA SER B 157 -23.05 -3.97 8.11
C SER B 157 -21.53 -4.06 8.16
N HIS B 158 -20.90 -3.37 9.11
CA HIS B 158 -19.45 -3.23 9.17
C HIS B 158 -18.87 -2.74 7.85
N LYS B 159 -19.65 -1.97 7.09
CA LYS B 159 -19.11 -1.35 5.88
C LYS B 159 -18.15 -0.22 6.23
N SER B 160 -17.16 -0.04 5.37
CA SER B 160 -16.25 1.09 5.50
C SER B 160 -16.92 2.37 4.99
N LEU B 161 -16.28 3.51 5.28
CA LEU B 161 -16.75 4.77 4.70
C LEU B 161 -16.67 4.75 3.17
N PHE B 162 -15.55 4.25 2.63
CA PHE B 162 -15.40 4.10 1.17
C PHE B 162 -16.64 3.45 0.55
N GLN B 163 -17.00 2.26 1.08
CA GLN B 163 -18.06 1.44 0.53
C GLN B 163 -19.41 2.13 0.67
N ILE B 164 -19.65 2.78 1.81
CA ILE B 164 -20.89 3.53 1.99
C ILE B 164 -21.01 4.61 0.93
N GLN B 165 -19.90 5.29 0.62
CA GLN B 165 -20.00 6.34 -0.37
C GLN B 165 -20.19 5.78 -1.78
N ALA B 166 -19.46 4.73 -2.14
CA ALA B 166 -19.65 4.12 -3.45
C ALA B 166 -21.09 3.64 -3.63
N GLU B 167 -21.67 3.07 -2.58
CA GLU B 167 -23.05 2.61 -2.69
C GLU B 167 -24.04 3.77 -2.88
N ARG B 168 -23.76 4.95 -2.29
CA ARG B 168 -24.56 6.14 -2.63
C ARG B 168 -24.34 6.57 -4.07
N ILE B 169 -23.12 6.42 -4.60
CA ILE B 169 -22.94 6.66 -6.03
C ILE B 169 -23.82 5.74 -6.86
N ALA B 170 -23.82 4.43 -6.54
CA ALA B 170 -24.56 3.47 -7.37
C ALA B 170 -26.07 3.67 -7.27
N LYS B 171 -26.56 3.93 -6.06
CA LYS B 171 -27.97 4.23 -5.87
C LYS B 171 -28.40 5.42 -6.73
N LEU B 172 -27.65 6.53 -6.66
CA LEU B 172 -27.99 7.72 -7.41
C LEU B 172 -27.99 7.44 -8.91
N GLN B 173 -27.05 6.63 -9.38
CA GLN B 173 -27.05 6.20 -10.77
C GLN B 173 -28.33 5.46 -11.13
N LEU B 174 -28.82 4.59 -10.23
CA LEU B 174 -30.07 3.87 -10.49
C LEU B 174 -31.27 4.81 -10.45
N LEU B 175 -31.27 5.79 -9.52
CA LEU B 175 -32.38 6.75 -9.46
C LEU B 175 -32.43 7.63 -10.69
N ALA B 176 -31.27 7.92 -11.30
CA ALA B 176 -31.21 8.75 -12.50
C ALA B 176 -31.78 8.02 -13.73
N GLN B 177 -31.40 6.76 -13.92
CA GLN B 177 -31.97 5.98 -15.01
C GLN B 177 -33.49 5.93 -14.92
N ARG B 178 -34.02 5.92 -13.70
CA ARG B 178 -35.44 5.84 -13.49
C ARG B 178 -36.18 7.03 -14.12
N ILE B 179 -35.47 8.08 -14.55
CA ILE B 179 -36.08 9.19 -15.27
C ILE B 179 -35.45 9.40 -16.64
N SER B 180 -34.53 8.54 -17.05
CA SER B 180 -34.08 8.56 -18.44
C SER B 180 -34.17 7.22 -19.14
N GLY B 181 -34.11 6.11 -18.40
CA GLY B 181 -34.07 4.81 -19.03
C GLY B 181 -32.83 4.58 -19.89
N LYS B 182 -31.73 5.24 -19.55
CA LYS B 182 -30.42 4.99 -20.12
C LYS B 182 -29.45 4.82 -18.97
N GLU B 183 -28.25 4.33 -19.28
CA GLU B 183 -27.24 4.22 -18.24
C GLU B 183 -26.89 5.60 -17.69
N ALA B 184 -26.60 5.65 -16.39
CA ALA B 184 -26.09 6.87 -15.77
C ALA B 184 -24.74 6.55 -15.14
N VAL B 185 -23.73 7.36 -15.46
CA VAL B 185 -22.39 7.18 -14.93
C VAL B 185 -21.97 8.46 -14.21
N ILE B 186 -21.51 8.31 -12.97
CA ILE B 186 -20.84 9.36 -12.21
C ILE B 186 -19.39 8.93 -12.01
N PRO B 187 -18.44 9.47 -12.76
CA PRO B 187 -17.03 9.11 -12.52
C PRO B 187 -16.67 9.39 -11.07
N TRP B 188 -15.86 8.49 -10.49
CA TRP B 188 -15.41 8.64 -9.10
C TRP B 188 -13.88 8.80 -9.09
N TYR B 189 -13.42 10.02 -8.84
CA TYR B 189 -12.00 10.32 -8.83
C TYR B 189 -11.55 10.43 -7.38
N VAL B 190 -10.68 9.53 -6.97
CA VAL B 190 -10.32 9.38 -5.55
C VAL B 190 -8.90 9.91 -5.37
N MET B 191 -8.76 11.05 -4.69
CA MET B 191 -7.46 11.68 -4.47
C MET B 191 -6.83 11.11 -3.21
N THR B 192 -5.64 10.53 -3.35
CA THR B 192 -4.95 9.98 -2.21
C THR B 192 -3.61 10.67 -2.05
N SER B 193 -2.89 10.29 -1.00
CA SER B 193 -1.52 10.71 -0.82
C SER B 193 -0.64 9.48 -0.90
N GLY B 194 0.67 9.70 -0.90
CA GLY B 194 1.62 8.61 -0.86
C GLY B 194 1.33 7.62 0.27
N PRO B 195 1.24 8.13 1.50
CA PRO B 195 0.94 7.22 2.63
C PRO B 195 -0.40 6.49 2.53
N THR B 196 -1.34 6.89 1.67
CA THR B 196 -2.60 6.17 1.55
C THR B 196 -2.87 5.55 0.19
N ARG B 197 -2.05 5.82 -0.82
CA ARG B 197 -2.40 5.40 -2.18
C ARG B 197 -2.43 3.88 -2.32
N LYS B 198 -1.33 3.21 -1.99
CA LYS B 198 -1.29 1.77 -2.21
C LYS B 198 -2.37 1.03 -1.40
N PRO B 199 -2.49 1.22 -0.09
CA PRO B 199 -3.58 0.53 0.62
C PRO B 199 -4.97 0.85 0.07
N THR B 200 -5.21 2.08 -0.37
CA THR B 200 -6.50 2.42 -0.93
C THR B 200 -6.79 1.60 -2.18
N GLU B 201 -5.78 1.39 -3.02
CA GLU B 201 -6.02 0.64 -4.24
C GLU B 201 -6.17 -0.86 -3.98
N GLU B 202 -5.42 -1.39 -3.01
CA GLU B 202 -5.61 -2.79 -2.63
C GLU B 202 -7.02 -3.01 -2.09
N PHE B 203 -7.53 -2.06 -1.30
CA PHE B 203 -8.83 -2.20 -0.66
C PHE B 203 -9.96 -2.16 -1.69
N PHE B 204 -9.93 -1.12 -2.55
CA PHE B 204 -10.87 -1.04 -3.68
C PHE B 204 -10.78 -2.28 -4.55
N GLU B 205 -9.56 -2.76 -4.80
CA GLU B 205 -9.44 -3.97 -5.60
C GLU B 205 -10.08 -5.16 -4.90
N GLN B 206 -9.80 -5.31 -3.61
CA GLN B 206 -10.30 -6.48 -2.88
C GLN B 206 -11.82 -6.45 -2.74
N HIS B 207 -12.45 -5.27 -2.82
CA HIS B 207 -13.90 -5.15 -2.78
C HIS B 207 -14.54 -5.01 -4.16
N LYS B 208 -13.76 -5.21 -5.23
CA LYS B 208 -14.27 -5.10 -6.61
C LYS B 208 -14.95 -3.76 -6.83
N TYR B 209 -14.32 -2.68 -6.35
CA TYR B 209 -14.82 -1.32 -6.50
C TYR B 209 -16.27 -1.17 -5.99
N PHE B 210 -16.68 -2.06 -5.07
CA PHE B 210 -17.98 -1.97 -4.38
C PHE B 210 -19.15 -2.04 -5.36
N GLY B 211 -18.96 -2.68 -6.50
CA GLY B 211 -20.00 -2.80 -7.48
C GLY B 211 -19.90 -1.81 -8.62
N LEU B 212 -19.15 -0.73 -8.42
CA LEU B 212 -18.95 0.18 -9.54
C LEU B 212 -18.07 -0.48 -10.58
N ASN B 213 -18.01 0.11 -11.77
CA ASN B 213 -17.01 -0.27 -12.76
C ASN B 213 -15.67 0.35 -12.42
N LYS B 214 -14.62 -0.46 -12.56
CA LYS B 214 -13.26 0.00 -12.32
C LYS B 214 -12.85 1.06 -13.33
N SER B 215 -13.41 1.01 -14.55
CA SER B 215 -13.10 2.04 -15.54
C SER B 215 -13.74 3.40 -15.20
N ASP B 216 -14.71 3.45 -14.30
CA ASP B 216 -15.22 4.74 -13.85
C ASP B 216 -14.73 5.12 -12.45
N VAL B 217 -13.63 4.54 -12.01
CA VAL B 217 -13.07 4.81 -10.69
C VAL B 217 -11.59 5.04 -10.90
N ILE B 218 -11.15 6.28 -10.69
CA ILE B 218 -9.77 6.68 -10.93
C ILE B 218 -9.17 7.07 -9.59
N ILE B 219 -8.21 6.28 -9.12
CA ILE B 219 -7.43 6.61 -7.95
C ILE B 219 -6.20 7.36 -8.42
N PHE B 220 -5.97 8.53 -7.85
CA PHE B 220 -4.81 9.33 -8.20
C PHE B 220 -4.20 9.87 -6.92
N GLU B 221 -3.11 10.61 -7.06
CA GLU B 221 -2.28 11.02 -5.93
C GLU B 221 -2.01 12.51 -6.01
N GLN B 222 -2.04 13.17 -4.85
CA GLN B 222 -1.61 14.56 -4.73
C GLN B 222 -0.10 14.62 -4.53
N GLY B 223 0.43 15.85 -4.58
CA GLY B 223 1.85 16.08 -4.42
C GLY B 223 2.28 16.37 -2.99
N VAL B 224 3.57 16.67 -2.86
CA VAL B 224 4.22 16.80 -1.56
C VAL B 224 5.14 18.02 -1.57
N LEU B 225 5.41 18.51 -0.36
CA LEU B 225 6.42 19.50 -0.09
C LEU B 225 7.32 18.97 1.00
N PRO B 226 8.61 19.28 0.98
CA PRO B 226 9.49 18.78 2.03
C PRO B 226 9.18 19.50 3.33
N CYS B 227 9.35 18.77 4.43
CA CYS B 227 9.19 19.35 5.74
C CYS B 227 10.39 20.23 6.07
N ILE B 228 10.12 21.36 6.72
CA ILE B 228 11.11 22.40 6.95
C ILE B 228 11.31 22.56 8.45
N SER B 229 12.58 22.59 8.88
CA SER B 229 12.90 22.76 10.30
C SER B 229 12.59 24.19 10.75
N ASN B 230 12.70 24.42 12.06
CA ASN B 230 12.46 25.77 12.58
C ASN B 230 13.50 26.77 12.12
N GLU B 231 14.68 26.32 11.74
CA GLU B 231 15.74 27.19 11.26
C GLU B 231 15.75 27.30 9.74
N GLY B 232 14.71 26.80 9.07
CA GLY B 232 14.58 26.95 7.63
C GLY B 232 15.28 25.91 6.80
N LYS B 233 15.80 24.84 7.40
CA LYS B 233 16.58 23.86 6.68
C LYS B 233 15.72 22.62 6.40
N ILE B 234 15.83 22.11 5.17
CA ILE B 234 15.12 20.89 4.80
C ILE B 234 15.45 19.80 5.79
N LEU B 235 14.43 19.05 6.22
CA LEU B 235 14.61 17.94 7.15
C LEU B 235 14.79 16.61 6.42
N MET B 236 15.67 15.76 6.95
CA MET B 236 15.93 14.43 6.42
C MET B 236 15.19 13.39 7.23
N GLU B 237 14.46 12.51 6.54
CA GLU B 237 13.78 11.43 7.25
C GLU B 237 14.74 10.31 7.57
N SER B 238 15.62 9.97 6.63
CA SER B 238 16.76 9.10 6.89
C SER B 238 18.02 9.74 6.30
N LYS B 239 19.14 9.01 6.32
CA LYS B 239 20.36 9.50 5.70
C LYS B 239 20.27 9.65 4.19
N PHE B 240 19.29 9.00 3.54
CA PHE B 240 19.17 9.09 2.10
C PHE B 240 17.79 9.59 1.67
N LYS B 241 16.96 10.06 2.60
CA LYS B 241 15.58 10.37 2.24
C LYS B 241 15.09 11.65 2.91
N VAL B 242 14.60 12.57 2.10
CA VAL B 242 14.00 13.80 2.59
C VAL B 242 12.65 13.47 3.21
N ALA B 243 12.40 14.03 4.40
CA ALA B 243 11.07 14.02 4.97
C ALA B 243 10.17 14.96 4.17
N VAL B 244 9.11 14.42 3.57
CA VAL B 244 8.12 15.22 2.85
C VAL B 244 6.78 15.04 3.54
N ALA B 245 5.80 15.83 3.10
CA ALA B 245 4.43 15.72 3.58
C ALA B 245 3.51 16.14 2.44
N PRO B 246 2.31 15.56 2.35
CA PRO B 246 1.39 15.95 1.27
C PRO B 246 1.04 17.42 1.41
N ASP B 247 0.71 18.06 0.27
CA ASP B 247 0.69 19.51 0.19
C ASP B 247 -0.69 20.13 0.47
N GLY B 248 -1.50 19.51 1.33
CA GLY B 248 -2.79 20.06 1.71
C GLY B 248 -3.91 19.62 0.78
N ASN B 249 -5.15 19.74 1.27
CA ASN B 249 -6.19 19.41 0.30
C ASN B 249 -6.26 20.44 -0.82
N GLY B 250 -5.66 21.61 -0.65
CA GLY B 250 -5.51 22.52 -1.78
C GLY B 250 -4.62 21.99 -2.90
N GLY B 251 -3.90 20.90 -2.68
CA GLY B 251 -3.12 20.31 -3.76
C GLY B 251 -3.98 19.63 -4.80
N ILE B 252 -5.28 19.53 -4.55
CA ILE B 252 -6.21 18.89 -5.49
C ILE B 252 -6.08 19.50 -6.88
N TYR B 253 -5.97 20.84 -6.97
CA TYR B 253 -6.08 21.51 -8.27
C TYR B 253 -4.89 21.16 -9.16
N GLN B 254 -3.66 21.46 -8.71
CA GLN B 254 -2.49 20.97 -9.44
C GLN B 254 -2.59 19.48 -9.76
N ALA B 255 -3.06 18.69 -8.79
CA ALA B 255 -3.14 17.24 -8.97
C ALA B 255 -4.14 16.85 -10.05
N LEU B 256 -5.27 17.57 -10.16
CA LEU B 256 -6.17 17.34 -11.29
C LEU B 256 -5.45 17.46 -12.63
N LEU B 257 -4.41 18.30 -12.73
CA LEU B 257 -3.70 18.45 -14.00
C LEU B 257 -2.72 17.31 -14.22
N THR B 258 -1.72 17.21 -13.34
CA THR B 258 -0.63 16.30 -13.60
C THR B 258 -1.09 14.84 -13.51
N SER B 259 -2.24 14.56 -12.89
CA SER B 259 -2.79 13.21 -12.85
C SER B 259 -3.51 12.80 -14.13
N GLY B 260 -3.86 13.74 -14.99
CA GLY B 260 -4.72 13.42 -16.11
C GLY B 260 -6.21 13.47 -15.84
N VAL B 261 -6.61 13.79 -14.61
CA VAL B 261 -8.04 13.69 -14.24
C VAL B 261 -8.86 14.77 -14.95
N ARG B 262 -8.40 16.03 -14.97
CA ARG B 262 -9.21 17.04 -15.65
C ARG B 262 -9.40 16.70 -17.12
N GLU B 263 -8.35 16.18 -17.78
CA GLU B 263 -8.53 15.74 -19.16
C GLU B 263 -9.48 14.55 -19.26
N ASP B 264 -9.40 13.61 -18.31
CA ASP B 264 -10.41 12.56 -18.29
C ASP B 264 -11.81 13.15 -18.15
N MET B 265 -11.97 14.15 -17.29
CA MET B 265 -13.27 14.80 -17.18
C MET B 265 -13.66 15.39 -18.51
N ARG B 266 -12.70 16.02 -19.20
CA ARG B 266 -12.99 16.63 -20.49
C ARG B 266 -13.49 15.59 -21.49
N LYS B 267 -12.72 14.51 -21.68
CA LYS B 267 -13.09 13.54 -22.71
C LYS B 267 -14.44 12.91 -22.45
N ARG B 268 -14.87 12.87 -21.18
CA ARG B 268 -16.18 12.35 -20.79
C ARG B 268 -17.32 13.36 -20.96
N GLY B 269 -17.04 14.64 -21.15
CA GLY B 269 -18.10 15.63 -21.23
C GLY B 269 -18.63 16.07 -19.89
N ILE B 270 -17.83 15.98 -18.83
CA ILE B 270 -18.29 16.32 -17.50
C ILE B 270 -18.42 17.83 -17.37
N GLU B 271 -19.50 18.29 -16.72
CA GLU B 271 -19.68 19.73 -16.55
C GLU B 271 -19.88 20.18 -15.11
N HIS B 272 -20.00 19.27 -14.15
CA HIS B 272 -20.29 19.61 -12.76
C HIS B 272 -19.52 18.67 -11.85
N ILE B 273 -18.80 19.22 -10.88
CA ILE B 273 -17.95 18.41 -10.01
C ILE B 273 -18.34 18.66 -8.56
N HIS B 274 -18.58 17.58 -7.83
CA HIS B 274 -18.82 17.60 -6.38
C HIS B 274 -17.55 17.10 -5.71
N THR B 275 -16.94 17.93 -4.86
CA THR B 275 -15.78 17.54 -4.07
C THR B 275 -16.18 17.51 -2.61
N TYR B 276 -15.69 16.49 -1.89
CA TYR B 276 -16.05 16.32 -0.48
C TYR B 276 -14.94 15.55 0.23
N CYS B 277 -14.93 15.65 1.56
CA CYS B 277 -13.94 14.98 2.39
C CYS B 277 -14.42 13.61 2.88
N VAL B 278 -13.48 12.66 2.94
CA VAL B 278 -13.81 11.26 3.15
C VAL B 278 -14.37 10.96 4.55
N ASP B 279 -14.11 11.79 5.54
CA ASP B 279 -14.41 11.37 6.91
C ASP B 279 -15.86 11.58 7.34
N ASN B 280 -16.72 12.16 6.49
CA ASN B 280 -18.11 12.48 6.86
C ASN B 280 -19.02 11.31 6.46
N CYS B 281 -19.46 10.52 7.45
CA CYS B 281 -20.25 9.34 7.13
C CYS B 281 -21.65 9.66 6.58
N LEU B 282 -22.09 10.92 6.66
CA LEU B 282 -23.41 11.29 6.15
C LEU B 282 -23.39 11.93 4.77
N VAL B 283 -22.20 12.05 4.15
CA VAL B 283 -22.02 12.88 2.94
C VAL B 283 -23.01 12.48 1.85
N LYS B 284 -23.76 13.46 1.35
CA LYS B 284 -24.65 13.18 0.21
C LYS B 284 -23.83 13.27 -1.07
N VAL B 285 -23.30 12.14 -1.52
CA VAL B 285 -22.38 12.17 -2.65
C VAL B 285 -23.14 12.56 -3.91
N ALA B 286 -22.65 13.61 -4.59
CA ALA B 286 -23.27 14.03 -5.83
C ALA B 286 -24.72 14.43 -5.58
N ASP B 287 -24.97 15.00 -4.41
CA ASP B 287 -26.27 15.42 -3.92
C ASP B 287 -26.95 16.21 -5.04
N PRO B 288 -28.02 15.67 -5.64
CA PRO B 288 -28.66 16.35 -6.78
C PRO B 288 -29.30 17.69 -6.45
N VAL B 289 -29.72 17.92 -5.19
CA VAL B 289 -30.15 19.27 -4.83
C VAL B 289 -28.96 20.24 -4.91
N PHE B 290 -27.82 19.83 -4.38
CA PHE B 290 -26.63 20.69 -4.41
C PHE B 290 -26.29 21.06 -5.85
N ILE B 291 -26.28 20.06 -6.75
CA ILE B 291 -25.87 20.27 -8.14
C ILE B 291 -26.95 21.00 -8.93
N GLY B 292 -28.22 20.67 -8.68
CA GLY B 292 -29.29 21.42 -9.32
C GLY B 292 -29.29 22.87 -8.88
N PHE B 293 -29.09 23.10 -7.58
CA PHE B 293 -28.97 24.45 -7.04
C PHE B 293 -27.82 25.20 -7.71
N ALA B 294 -26.61 24.67 -7.60
CA ALA B 294 -25.44 25.36 -8.15
C ALA B 294 -25.57 25.57 -9.66
N ALA B 295 -26.08 24.58 -10.38
CA ALA B 295 -26.14 24.72 -11.83
C ALA B 295 -27.17 25.77 -12.24
N SER B 296 -28.30 25.85 -11.51
CA SER B 296 -29.34 26.79 -11.93
C SER B 296 -28.93 28.24 -11.66
N LYS B 297 -28.00 28.48 -10.73
CA LYS B 297 -27.43 29.79 -10.51
C LYS B 297 -26.27 30.07 -11.45
N GLN B 298 -25.77 29.04 -12.14
CA GLN B 298 -24.60 29.15 -13.02
C GLN B 298 -23.35 29.64 -12.27
N VAL B 299 -23.16 29.18 -11.01
CA VAL B 299 -21.99 29.59 -10.22
C VAL B 299 -20.75 28.87 -10.72
N ASP B 300 -19.59 29.51 -10.52
CA ASP B 300 -18.32 28.81 -10.66
C ASP B 300 -18.08 27.86 -9.48
N ILE B 301 -18.46 28.28 -8.28
CA ILE B 301 -18.23 27.52 -7.06
C ILE B 301 -19.45 27.64 -6.17
N ALA B 302 -19.91 26.52 -5.63
CA ALA B 302 -20.84 26.50 -4.51
C ALA B 302 -20.23 25.71 -3.36
N THR B 303 -20.79 25.87 -2.16
CA THR B 303 -20.27 25.19 -0.98
C THR B 303 -21.37 25.07 0.08
N LYS B 304 -21.25 24.05 0.91
CA LYS B 304 -22.27 23.72 1.92
C LYS B 304 -21.80 24.10 3.32
N VAL B 305 -22.75 24.56 4.13
CA VAL B 305 -22.47 24.87 5.53
C VAL B 305 -23.53 24.22 6.44
N VAL B 306 -23.19 24.12 7.73
CA VAL B 306 -24.19 23.89 8.79
C VAL B 306 -23.90 24.89 9.89
N ARG B 307 -24.86 25.01 10.82
CA ARG B 307 -24.67 25.93 11.94
C ARG B 307 -23.56 25.42 12.86
N LYS B 308 -22.59 26.28 13.15
CA LYS B 308 -21.55 25.93 14.10
C LYS B 308 -22.19 25.61 15.45
N ARG B 309 -21.75 24.50 16.09
CA ARG B 309 -22.44 24.01 17.28
C ARG B 309 -21.99 24.74 18.56
N ASN B 310 -20.75 25.20 18.62
CA ASN B 310 -20.32 26.14 19.67
C ASN B 310 -19.06 26.87 19.20
N ALA B 311 -18.60 27.79 20.05
CA ALA B 311 -17.43 28.59 19.72
C ALA B 311 -16.18 27.73 19.46
N THR B 312 -16.05 26.59 20.14
CA THR B 312 -14.81 25.82 20.03
C THR B 312 -14.82 24.78 18.92
N GLU B 313 -15.87 24.67 18.11
CA GLU B 313 -15.87 23.63 17.09
C GLU B 313 -14.76 23.88 16.07
N SER B 314 -13.91 22.87 15.90
CA SER B 314 -12.84 22.90 14.92
C SER B 314 -13.37 22.91 13.49
N VAL B 315 -13.90 24.05 13.05
CA VAL B 315 -14.41 24.19 11.69
C VAL B 315 -14.08 25.57 11.16
N GLY B 316 -13.82 25.65 9.86
CA GLY B 316 -13.66 26.94 9.24
C GLY B 316 -15.00 27.64 9.08
N LEU B 317 -14.96 28.96 9.11
CA LEU B 317 -16.15 29.79 8.98
C LEU B 317 -16.15 30.47 7.61
N ILE B 318 -17.24 30.28 6.87
CA ILE B 318 -17.41 30.90 5.56
C ILE B 318 -18.03 32.26 5.77
N LEU B 319 -17.50 33.26 5.07
CA LEU B 319 -17.83 34.65 5.35
C LEU B 319 -17.33 35.52 4.21
N GLN B 320 -17.50 36.83 4.38
CA GLN B 320 -17.01 37.84 3.45
C GLN B 320 -15.85 38.57 4.11
N LYS B 321 -14.67 38.43 3.51
CA LYS B 321 -13.45 39.04 4.03
C LYS B 321 -12.93 40.01 2.98
N ASN B 322 -12.67 41.25 3.40
CA ASN B 322 -12.35 42.36 2.50
C ASN B 322 -13.12 42.26 1.18
N GLY B 323 -14.43 42.10 1.29
CA GLY B 323 -15.30 42.09 0.12
C GLY B 323 -15.39 40.78 -0.66
N LYS B 324 -14.56 39.76 -0.35
CA LYS B 324 -14.59 38.52 -1.13
C LYS B 324 -15.17 37.35 -0.32
N PRO B 325 -15.79 36.37 -0.97
CA PRO B 325 -16.12 35.14 -0.26
C PRO B 325 -14.83 34.44 0.13
N ASP B 326 -14.80 33.91 1.35
CA ASP B 326 -13.56 33.44 1.94
C ASP B 326 -13.89 32.51 3.11
N VAL B 327 -12.84 31.85 3.61
CA VAL B 327 -12.92 30.98 4.77
C VAL B 327 -11.82 31.37 5.75
N VAL B 328 -12.18 31.41 7.03
CA VAL B 328 -11.21 31.56 8.13
C VAL B 328 -11.14 30.21 8.85
N GLU B 329 -10.02 29.50 8.67
CA GLU B 329 -9.87 28.17 9.24
C GLU B 329 -9.79 28.23 10.76
N TYR B 330 -10.26 27.15 11.41
CA TYR B 330 -10.37 27.15 12.88
C TYR B 330 -9.02 27.32 13.54
N SER B 331 -7.94 26.93 12.86
CA SER B 331 -6.59 27.06 13.37
C SER B 331 -6.01 28.46 13.20
N GLU B 332 -6.72 29.37 12.52
CA GLU B 332 -6.21 30.71 12.25
C GLU B 332 -7.17 31.81 12.67
N ILE B 333 -8.26 31.47 13.38
CA ILE B 333 -9.24 32.46 13.82
C ILE B 333 -8.82 32.99 15.19
N ASP B 334 -8.92 34.31 15.36
CA ASP B 334 -8.60 34.90 16.66
C ASP B 334 -9.78 34.77 17.61
N LYS B 335 -9.48 34.85 18.91
CA LYS B 335 -10.52 34.70 19.94
C LYS B 335 -11.68 35.66 19.70
N GLU B 336 -11.38 36.92 19.35
CA GLU B 336 -12.44 37.90 19.19
C GLU B 336 -13.48 37.45 18.18
N THR B 337 -13.06 37.16 16.94
CA THR B 337 -14.04 36.89 15.90
C THR B 337 -14.65 35.50 16.04
N ALA B 338 -14.01 34.58 16.75
CA ALA B 338 -14.64 33.30 17.03
C ALA B 338 -15.68 33.37 18.14
N GLU B 339 -15.72 34.47 18.89
CA GLU B 339 -16.67 34.63 19.98
C GLU B 339 -17.64 35.78 19.76
N ALA B 340 -17.43 36.62 18.74
CA ALA B 340 -18.35 37.73 18.50
C ALA B 340 -19.78 37.22 18.40
N LYS B 341 -20.72 38.05 18.82
CA LYS B 341 -22.11 37.66 18.92
C LYS B 341 -22.95 38.51 17.98
N ASP B 342 -24.06 37.95 17.55
CA ASP B 342 -25.04 38.72 16.81
C ASP B 342 -25.57 39.84 17.70
N PRO B 343 -25.62 41.07 17.22
CA PRO B 343 -25.95 42.21 18.09
C PRO B 343 -27.33 42.12 18.73
N LYS B 344 -28.25 41.32 18.17
CA LYS B 344 -29.59 41.23 18.73
C LYS B 344 -29.79 40.00 19.61
N GLN B 345 -29.19 38.86 19.26
CA GLN B 345 -29.29 37.68 20.09
C GLN B 345 -27.94 37.42 20.77
N PRO B 346 -27.78 37.76 22.05
CA PRO B 346 -26.46 37.76 22.67
C PRO B 346 -25.89 36.37 22.97
N ASP B 347 -26.63 35.28 22.72
CA ASP B 347 -26.06 33.94 22.82
C ASP B 347 -25.92 33.23 21.48
N VAL B 348 -26.03 33.95 20.36
CA VAL B 348 -25.78 33.36 19.04
C VAL B 348 -24.50 33.97 18.48
N LEU B 349 -23.62 33.10 17.98
CA LEU B 349 -22.35 33.56 17.41
C LEU B 349 -22.59 34.31 16.11
N LYS B 350 -21.87 35.42 15.93
CA LYS B 350 -21.99 36.21 14.72
C LYS B 350 -21.53 35.41 13.49
N PHE B 351 -20.39 34.74 13.62
CA PHE B 351 -19.85 33.90 12.56
C PHE B 351 -20.10 32.44 12.90
N ARG B 352 -21.10 31.83 12.23
CA ARG B 352 -21.51 30.46 12.55
C ARG B 352 -21.83 29.60 11.33
N ALA B 353 -21.45 30.02 10.12
CA ALA B 353 -21.61 29.24 8.89
C ALA B 353 -20.42 28.30 8.78
N ALA B 354 -20.57 27.09 9.34
CA ALA B 354 -19.45 26.15 9.47
C ALA B 354 -19.22 25.37 8.18
N ASN B 355 -17.96 25.31 7.73
CA ASN B 355 -17.60 24.64 6.48
C ASN B 355 -17.59 23.13 6.70
N ILE B 356 -18.32 22.40 5.86
CA ILE B 356 -18.37 20.95 5.99
C ILE B 356 -17.66 20.26 4.83
N VAL B 357 -16.82 21.00 4.10
CA VAL B 357 -16.01 20.48 2.99
C VAL B 357 -16.89 19.78 1.96
N ASN B 358 -17.85 20.50 1.43
CA ASN B 358 -18.74 19.95 0.40
C ASN B 358 -18.85 21.04 -0.64
N HIS B 359 -18.13 20.88 -1.76
CA HIS B 359 -17.88 21.95 -2.71
C HIS B 359 -18.34 21.54 -4.10
N TYR B 360 -18.74 22.53 -4.88
CA TYR B 360 -19.19 22.34 -6.24
C TYR B 360 -18.31 23.19 -7.13
N TYR B 361 -17.82 22.61 -8.22
CA TYR B 361 -17.17 23.38 -9.27
C TYR B 361 -17.84 23.12 -10.61
N SER B 362 -17.98 24.16 -11.42
CA SER B 362 -18.19 23.97 -12.83
C SER B 362 -16.91 23.40 -13.44
N PHE B 363 -17.04 22.68 -14.56
CA PHE B 363 -15.84 22.22 -15.24
C PHE B 363 -15.01 23.39 -15.78
N LYS B 364 -15.67 24.36 -16.40
CA LYS B 364 -14.99 25.56 -16.89
C LYS B 364 -14.05 26.15 -15.84
N PHE B 365 -14.46 26.12 -14.56
CA PHE B 365 -13.61 26.64 -13.51
C PHE B 365 -12.26 25.91 -13.45
N PHE B 366 -12.27 24.59 -13.60
CA PHE B 366 -11.01 23.84 -13.64
C PHE B 366 -10.16 24.19 -14.85
N GLU B 367 -10.75 24.74 -15.90
CA GLU B 367 -9.99 24.92 -17.11
C GLU B 367 -8.92 25.99 -16.98
N SER B 368 -8.99 26.84 -15.97
CA SER B 368 -8.02 27.92 -15.82
C SER B 368 -6.96 27.64 -14.76
N ILE B 369 -6.87 26.41 -14.25
CA ILE B 369 -6.02 26.11 -13.10
C ILE B 369 -4.56 26.51 -13.36
N GLU B 370 -4.08 26.30 -14.60
CA GLU B 370 -2.70 26.67 -14.93
C GLU B 370 -2.38 28.08 -14.47
N LEU B 371 -3.34 28.97 -14.59
CA LEU B 371 -3.10 30.40 -14.38
C LEU B 371 -2.99 30.80 -12.92
N TRP B 372 -3.54 30.00 -11.99
CA TRP B 372 -3.60 30.44 -10.59
C TRP B 372 -3.21 29.43 -9.54
N ALA B 373 -2.92 28.17 -9.89
CA ALA B 373 -2.46 27.21 -8.88
C ALA B 373 -1.33 27.81 -8.05
N HIS B 374 -0.40 28.52 -8.69
CA HIS B 374 0.74 29.07 -7.99
C HIS B 374 0.40 30.21 -7.03
N LYS B 375 -0.80 30.79 -7.13
CA LYS B 375 -1.20 31.90 -6.26
C LYS B 375 -1.79 31.47 -4.92
N LEU B 376 -2.00 30.14 -4.67
CA LEU B 376 -2.60 29.73 -3.39
C LEU B 376 -1.55 29.80 -2.28
N PRO B 377 -1.88 30.37 -1.13
CA PRO B 377 -0.87 30.49 -0.06
C PRO B 377 -0.64 29.16 0.62
N HIS B 378 0.52 29.07 1.26
CA HIS B 378 0.95 27.89 2.00
C HIS B 378 0.72 28.15 3.50
N HIS B 379 -0.23 27.42 4.08
CA HIS B 379 -0.53 27.58 5.50
C HIS B 379 0.51 26.83 6.31
N VAL B 380 0.87 27.39 7.46
CA VAL B 380 1.97 26.87 8.26
C VAL B 380 1.40 26.05 9.41
N ALA B 381 1.89 24.82 9.56
CA ALA B 381 1.57 23.99 10.71
C ALA B 381 2.89 23.58 11.35
N ARG B 382 3.11 24.01 12.59
CA ARG B 382 4.27 23.62 13.36
C ARG B 382 4.03 22.24 14.00
N LYS B 383 4.90 21.28 13.68
CA LYS B 383 4.64 19.89 13.99
C LYS B 383 5.93 19.21 14.44
N LYS B 384 5.77 18.03 15.05
CA LYS B 384 6.89 17.20 15.44
C LYS B 384 7.16 16.22 14.31
N ILE B 385 8.29 16.39 13.64
CA ILE B 385 8.64 15.60 12.47
C ILE B 385 9.89 14.80 12.78
N PRO B 386 9.79 13.47 12.85
CA PRO B 386 10.97 12.68 13.22
C PRO B 386 12.04 12.77 12.13
N CYS B 387 13.31 12.76 12.57
CA CYS B 387 14.42 13.06 11.67
C CYS B 387 15.80 12.90 12.31
N ILE B 388 16.28 11.67 12.53
CA ILE B 388 17.61 11.50 13.10
C ILE B 388 18.61 12.27 12.25
N LYS B 389 19.55 12.99 12.90
CA LYS B 389 20.51 13.78 12.16
C LYS B 389 21.67 14.15 13.10
N GLU B 390 22.89 14.17 12.55
CA GLU B 390 24.14 13.82 13.26
C GLU B 390 23.92 12.70 14.29
N PRO B 398 12.18 13.38 18.71
CA PRO B 398 11.54 14.70 18.60
C PRO B 398 10.42 14.84 19.63
N GLU B 399 10.66 15.60 20.69
CA GLU B 399 9.74 15.67 21.82
C GLU B 399 8.90 16.94 21.84
N LYS B 400 9.37 18.01 21.21
CA LYS B 400 8.74 19.30 21.03
C LYS B 400 8.71 19.59 19.54
N PRO B 401 7.72 20.39 19.05
CA PRO B 401 7.74 20.82 17.64
C PRO B 401 9.12 21.25 17.14
N ASN B 402 9.60 20.56 16.09
CA ASN B 402 10.93 20.83 15.55
C ASN B 402 10.94 21.47 14.17
N GLY B 403 9.83 21.40 13.44
CA GLY B 403 9.78 21.94 12.10
C GLY B 403 8.37 22.29 11.68
N ILE B 404 8.14 22.50 10.38
CA ILE B 404 6.84 22.92 9.89
C ILE B 404 6.45 22.09 8.66
N LYS B 405 5.15 22.02 8.42
CA LYS B 405 4.58 21.46 7.20
C LYS B 405 3.76 22.54 6.52
N LEU B 406 3.98 22.72 5.21
CA LEU B 406 3.25 23.73 4.45
C LEU B 406 2.10 23.08 3.71
N GLU B 407 0.91 23.68 3.81
CA GLU B 407 -0.29 23.11 3.23
C GLU B 407 -1.10 24.18 2.52
N GLN B 408 -1.58 23.84 1.34
CA GLN B 408 -2.59 24.60 0.64
C GLN B 408 -3.99 24.17 1.10
N PHE B 409 -4.91 25.11 1.13
CA PHE B 409 -6.28 24.82 1.52
C PHE B 409 -7.19 24.90 0.30
N VAL B 410 -8.07 23.92 0.17
CA VAL B 410 -8.93 23.79 -1.00
C VAL B 410 -9.82 25.02 -1.18
N PHE B 411 -10.26 25.63 -0.08
CA PHE B 411 -11.17 26.75 -0.19
C PHE B 411 -10.47 28.07 -0.49
N ASP B 412 -9.13 28.08 -0.52
CA ASP B 412 -8.43 29.34 -0.80
C ASP B 412 -8.66 29.84 -2.23
N VAL B 413 -9.31 29.06 -3.09
CA VAL B 413 -9.80 29.63 -4.36
C VAL B 413 -11.06 30.46 -4.21
N PHE B 414 -11.65 30.53 -3.01
CA PHE B 414 -12.90 31.30 -2.89
C PHE B 414 -12.68 32.78 -3.19
N PRO B 415 -11.71 33.48 -2.58
CA PRO B 415 -11.56 34.92 -2.86
C PRO B 415 -11.16 35.22 -4.31
N MET B 416 -10.82 34.22 -5.11
CA MET B 416 -10.59 34.44 -6.53
C MET B 416 -11.89 34.52 -7.32
N THR B 417 -13.03 34.25 -6.69
CA THR B 417 -14.31 34.07 -7.37
C THR B 417 -15.22 35.26 -7.08
N PRO B 418 -15.77 35.89 -8.11
CA PRO B 418 -16.76 36.95 -7.88
C PRO B 418 -17.92 36.47 -7.03
N LEU B 419 -18.37 37.33 -6.13
CA LEU B 419 -19.48 37.01 -5.24
C LEU B 419 -20.68 36.45 -6.01
N GLU B 420 -20.90 36.91 -7.23
CA GLU B 420 -22.00 36.45 -8.05
C GLU B 420 -21.75 35.10 -8.73
N LYS B 421 -20.53 34.59 -8.71
CA LYS B 421 -20.24 33.25 -9.21
C LYS B 421 -20.00 32.27 -8.07
N PHE B 422 -20.41 32.67 -6.87
CA PHE B 422 -20.26 31.90 -5.65
C PHE B 422 -21.64 31.69 -5.01
N ALA B 423 -21.89 30.50 -4.49
CA ALA B 423 -23.09 30.29 -3.70
C ALA B 423 -22.77 29.41 -2.50
N CYS B 424 -23.47 29.67 -1.42
CA CYS B 424 -23.28 28.94 -0.18
C CYS B 424 -24.66 28.54 0.35
N ILE B 425 -24.85 27.23 0.63
CA ILE B 425 -26.15 26.69 1.00
C ILE B 425 -26.03 26.00 2.35
N GLU B 426 -26.91 26.38 3.27
CA GLU B 426 -27.03 25.71 4.56
C GLU B 426 -27.81 24.41 4.43
N VAL B 427 -27.34 23.37 5.15
CA VAL B 427 -28.00 22.08 5.25
C VAL B 427 -28.07 21.69 6.73
N ARG B 428 -28.79 20.59 7.01
CA ARG B 428 -28.99 20.10 8.38
C ARG B 428 -27.84 19.19 8.80
N ARG B 429 -27.26 19.48 9.96
CA ARG B 429 -26.14 18.68 10.43
C ARG B 429 -26.54 17.21 10.59
N GLU B 430 -27.73 16.97 11.15
CA GLU B 430 -28.19 15.61 11.44
C GLU B 430 -28.31 14.76 10.19
N ASP B 431 -28.43 15.37 9.03
CA ASP B 431 -28.58 14.64 7.80
C ASP B 431 -27.35 14.66 6.92
N GLU B 432 -26.36 15.53 7.20
CA GLU B 432 -25.30 15.74 6.22
C GLU B 432 -23.90 15.89 6.79
N PHE B 433 -23.70 15.94 8.10
CA PHE B 433 -22.34 16.19 8.60
C PHE B 433 -22.15 15.43 9.90
N SER B 434 -21.34 14.39 9.85
CA SER B 434 -20.94 13.62 11.03
C SER B 434 -19.49 13.21 10.84
N PRO B 435 -18.54 14.09 11.18
CA PRO B 435 -17.15 13.82 10.83
C PRO B 435 -16.52 12.76 11.72
N LEU B 436 -15.64 11.97 11.15
CA LEU B 436 -14.83 11.01 11.90
C LEU B 436 -13.46 11.66 12.10
N LYS B 437 -13.32 12.37 13.21
CA LYS B 437 -12.08 13.07 13.51
C LYS B 437 -11.24 12.37 14.56
N ASN B 438 -11.89 11.80 15.58
CA ASN B 438 -11.25 11.41 16.83
C ASN B 438 -11.35 9.90 17.06
N ALA B 439 -10.44 9.38 17.87
CA ALA B 439 -10.48 7.99 18.27
C ALA B 439 -11.64 7.71 19.21
N ARG B 440 -12.08 6.46 19.19
CA ARG B 440 -13.16 6.00 20.09
C ARG B 440 -12.83 6.28 21.54
N GLY B 441 -13.85 6.70 22.30
CA GLY B 441 -13.67 7.12 23.67
C GLY B 441 -13.52 8.62 23.86
N THR B 442 -13.61 9.41 22.79
CA THR B 442 -13.45 10.85 22.90
C THR B 442 -14.75 11.51 23.32
N GLY B 443 -15.86 11.13 22.70
CA GLY B 443 -17.16 11.67 23.01
C GLY B 443 -17.75 12.54 21.91
N GLU B 444 -16.93 13.00 20.96
CA GLU B 444 -17.44 13.76 19.83
C GLU B 444 -16.65 13.41 18.57
N ASP B 445 -17.30 13.58 17.41
CA ASP B 445 -16.71 13.34 16.10
C ASP B 445 -15.83 12.09 16.11
N ASP B 446 -16.39 10.99 16.58
CA ASP B 446 -15.63 9.74 16.68
C ASP B 446 -16.44 8.61 16.03
N PRO B 447 -15.94 7.36 16.02
CA PRO B 447 -16.77 6.28 15.46
C PRO B 447 -18.14 6.15 16.08
N ASP B 448 -18.28 6.45 17.37
CA ASP B 448 -19.56 6.23 18.04
C ASP B 448 -20.58 7.31 17.68
N THR B 449 -20.15 8.58 17.60
CA THR B 449 -21.07 9.60 17.11
C THR B 449 -21.40 9.37 15.64
N SER B 450 -20.42 8.91 14.85
CA SER B 450 -20.68 8.56 13.45
C SER B 450 -21.69 7.43 13.33
N LYS B 451 -21.47 6.35 14.10
CA LYS B 451 -22.44 5.25 14.11
C LYS B 451 -23.81 5.76 14.54
N ARG B 452 -23.86 6.47 15.66
CA ARG B 452 -25.14 6.91 16.21
C ARG B 452 -25.92 7.74 15.20
N ASP B 453 -25.26 8.68 14.50
CA ASP B 453 -25.98 9.57 13.57
C ASP B 453 -26.43 8.86 12.29
N ILE B 454 -25.68 7.86 11.80
CA ILE B 454 -26.18 7.06 10.68
C ILE B 454 -27.42 6.27 11.10
N MET B 455 -27.36 5.60 12.23
CA MET B 455 -28.48 4.75 12.60
C MET B 455 -29.65 5.54 13.17
N SER B 456 -29.38 6.72 13.74
CA SER B 456 -30.47 7.64 14.02
C SER B 456 -31.12 8.13 12.72
N GLN B 457 -30.32 8.41 11.69
CA GLN B 457 -30.92 8.83 10.42
C GLN B 457 -31.70 7.69 9.79
N GLY B 458 -31.16 6.47 9.82
CA GLY B 458 -31.90 5.32 9.31
C GLY B 458 -33.26 5.19 9.95
N GLN B 459 -33.32 5.30 11.28
CA GLN B 459 -34.59 5.19 11.98
C GLN B 459 -35.55 6.29 11.55
N ARG B 460 -35.09 7.56 11.59
CA ARG B 460 -35.95 8.68 11.20
C ARG B 460 -36.54 8.46 9.81
N TRP B 461 -35.74 7.92 8.89
CA TRP B 461 -36.23 7.60 7.56
C TRP B 461 -37.31 6.53 7.61
N ILE B 462 -37.06 5.46 8.37
CA ILE B 462 -38.01 4.36 8.44
C ILE B 462 -39.31 4.82 9.09
N GLU B 463 -39.22 5.61 10.18
CA GLU B 463 -40.43 6.14 10.81
C GLU B 463 -41.20 7.07 9.89
N LYS B 464 -40.50 7.93 9.16
CA LYS B 464 -41.20 8.78 8.20
C LYS B 464 -41.95 7.99 7.14
N ALA B 465 -41.53 6.76 6.85
CA ALA B 465 -42.15 5.98 5.79
C ALA B 465 -43.25 5.05 6.28
N GLY B 466 -43.38 4.87 7.60
CA GLY B 466 -44.37 3.98 8.17
C GLY B 466 -43.82 2.85 9.04
N GLY B 467 -42.53 2.59 9.01
CA GLY B 467 -41.99 1.57 9.88
C GLY B 467 -42.14 1.93 11.35
N ILE B 468 -42.14 0.90 12.19
CA ILE B 468 -42.15 1.07 13.63
C ILE B 468 -40.91 0.39 14.17
N VAL B 469 -40.15 1.14 14.98
CA VAL B 469 -38.90 0.65 15.55
C VAL B 469 -39.12 0.45 17.04
N ILE B 470 -38.73 -0.72 17.55
CA ILE B 470 -39.07 -1.15 18.90
C ILE B 470 -38.04 -0.67 19.91
N THR B 471 -36.79 -1.15 19.78
CA THR B 471 -35.68 -0.85 20.70
C THR B 471 -36.07 -0.99 22.18
N VAL B 476 -29.40 1.55 19.76
CA VAL B 476 -30.62 2.12 19.17
C VAL B 476 -30.38 2.62 17.74
N GLY B 477 -31.48 2.78 16.99
CA GLY B 477 -31.42 3.16 15.59
C GLY B 477 -31.46 1.95 14.67
N VAL B 478 -31.48 2.26 13.37
CA VAL B 478 -31.43 1.24 12.32
C VAL B 478 -30.55 1.74 11.17
N GLU B 479 -29.63 0.90 10.72
CA GLU B 479 -28.87 1.20 9.51
C GLU B 479 -29.71 0.92 8.26
N VAL B 480 -29.80 1.90 7.37
CA VAL B 480 -30.45 1.72 6.07
C VAL B 480 -29.37 1.74 4.99
N SER B 481 -29.30 0.67 4.21
CA SER B 481 -28.28 0.55 3.18
C SER B 481 -28.51 1.58 2.09
N PRO B 482 -27.45 2.20 1.58
CA PRO B 482 -27.64 3.14 0.46
C PRO B 482 -28.22 2.47 -0.78
N LEU B 483 -27.98 1.17 -0.97
CA LEU B 483 -28.62 0.48 -2.08
C LEU B 483 -30.13 0.38 -1.87
N ILE B 484 -30.59 0.50 -0.64
CA ILE B 484 -32.03 0.53 -0.38
C ILE B 484 -32.58 1.95 -0.54
N SER B 485 -31.89 2.94 0.03
CA SER B 485 -32.39 4.31 0.01
C SER B 485 -31.23 5.29 0.04
N TYR B 486 -31.18 6.18 -0.97
CA TYR B 486 -30.12 7.18 -1.05
C TYR B 486 -30.32 8.30 -0.03
N GLY B 487 -31.53 8.84 0.04
CA GLY B 487 -31.76 9.96 0.94
C GLY B 487 -33.04 9.82 1.76
N GLY B 488 -33.56 8.60 1.85
CA GLY B 488 -34.86 8.36 2.47
C GLY B 488 -35.94 7.94 1.50
N GLU B 489 -35.71 8.00 0.19
CA GLU B 489 -36.75 7.58 -0.75
C GLU B 489 -36.84 6.05 -0.81
N GLY B 490 -37.99 5.57 -1.27
CA GLY B 490 -38.15 4.15 -1.59
C GLY B 490 -38.29 3.21 -0.42
N LEU B 491 -38.82 3.66 0.72
CA LEU B 491 -38.93 2.81 1.89
C LEU B 491 -40.38 2.45 2.24
N GLU B 492 -41.33 2.74 1.34
CA GLU B 492 -42.74 2.50 1.66
C GLU B 492 -43.02 1.02 1.87
N PHE B 493 -42.14 0.13 1.39
CA PHE B 493 -42.31 -1.29 1.66
C PHE B 493 -42.12 -1.64 3.12
N LEU B 494 -41.77 -0.68 3.97
CA LEU B 494 -41.66 -0.88 5.41
C LEU B 494 -42.83 -0.33 6.19
N LYS B 495 -43.86 0.20 5.52
CA LYS B 495 -44.95 0.85 6.23
C LYS B 495 -45.70 -0.18 7.06
N GLY B 496 -45.88 0.11 8.34
CA GLY B 496 -46.55 -0.83 9.21
C GLY B 496 -45.63 -1.89 9.77
N ARG B 497 -44.55 -2.24 9.06
CA ARG B 497 -43.69 -3.31 9.53
C ARG B 497 -43.11 -2.95 10.89
N GLU B 498 -42.82 -3.98 11.68
CA GLU B 498 -42.13 -3.85 12.96
C GLU B 498 -40.66 -4.16 12.74
N ILE B 499 -39.80 -3.31 13.27
CA ILE B 499 -38.35 -3.45 13.15
C ILE B 499 -37.76 -3.41 14.56
N LYS B 500 -37.00 -4.44 14.91
CA LYS B 500 -36.29 -4.48 16.19
C LYS B 500 -34.94 -3.79 16.05
N ALA B 501 -34.58 -2.96 17.02
CA ALA B 501 -33.32 -2.21 16.96
C ALA B 501 -32.34 -2.75 18.00
N PRO B 502 -31.04 -2.84 17.63
CA PRO B 502 -30.41 -2.50 16.34
C PRO B 502 -30.80 -3.42 15.18
N ALA B 503 -30.79 -2.88 13.97
CA ALA B 503 -31.13 -3.64 12.78
C ALA B 503 -30.47 -3.02 11.56
N PHE B 504 -30.67 -3.67 10.43
CA PHE B 504 -29.92 -3.43 9.21
C PHE B 504 -30.87 -3.76 8.07
N ILE B 505 -31.02 -2.85 7.12
CA ILE B 505 -31.92 -3.02 5.98
C ILE B 505 -31.07 -3.07 4.73
N GLU B 506 -30.97 -4.24 4.09
CA GLU B 506 -30.28 -4.46 2.82
C GLU B 506 -31.21 -5.07 1.78
N LYS B 507 -30.68 -5.21 0.55
CA LYS B 507 -31.40 -5.83 -0.57
C LYS B 507 -31.43 -7.36 -0.44
#